data_2J0U
#
_entry.id   2J0U
#
_cell.length_a   71.760
_cell.length_b   107.190
_cell.length_c   243.950
_cell.angle_alpha   90.00
_cell.angle_beta   90.00
_cell.angle_gamma   90.00
#
_symmetry.space_group_name_H-M   'C 2 2 21'
#
loop_
_entity.id
_entity.type
_entity.pdbx_description
1 polymer 'ATP-DEPENDENT RNA HELICASE DDX48'
2 polymer 'ATP-DEPENDENT RNA HELICASE DDX48'
3 polymer 'PROTEIN CASC3'
#
loop_
_entity_poly.entity_id
_entity_poly.type
_entity_poly.pdbx_seq_one_letter_code
_entity_poly.pdbx_strand_id
1 'polypeptide(L)'
;PTFDTMGLREDLLRGIYAYGFEKPSAIQQRAIKQIIKGRDVIAQSQSGTGKTATFSVSVLQCLDIQVRETQALILAPTRE
LAVQVQKGLLALGDYMNVQCHACIGGTNVGEDIRKLDYGQHVVAGTPGRVFDMIRRRSLRTRAIKMLVLDEADEMLNKGF
KEQIYDVYRYLPPATQVVLISATLPHEILEMTNKFMTDPIRILVKRDELTLEGIKQFFVAVEREEWKFDTLCDLYDTLTI
TQAVIFCNTKRKVDWLTEKMREANFTVSSMHGDMPQKERESIMKEFRSGASRVLISTDVWARGLDVPQVSLIINYDLPNN
RELYIHRIGRSGRYGRKGVAVNFVKNDDIRVLRDIEQYYSTQIDEMPMNVADLI
;
A
2 'polypeptide(L)'
;PTFDTMGLREDLLRGIYAYGFEKPSAIQQRAIKQIIKGRDVIAQSQSGTGKTATFSVSVLQCLDIQVRETQALILAPTRE
LAVQVQKGLLALGDYMNVQSHACIGGTNVGEDIRKLDYGQHVVAGTPGRVFDMIRRRSLRTRAIKMLVLDEADEMLNKGF
KEQIYDVYRYLPPATQVVLISATLPHEVLEMTNKFMTDPIRILVKRDELTLEGIKQFFVAVEREEWKFDTLCDLYDTLTI
TQAVIFCNTKRKVDWLTEKMREANFTVSSMHGDMPQKERESIMKEFRSGASRVLISTDVWARGLDVPQVSLIINYDLPNN
RELYIHRIGRSGRYGRKGVAVNFVKNDDIRVLRDIEQYYSTQIDEMPMNVADLI
;
B
3 'polypeptide(L)'
;DTKSTVTGERQSGDGQESTEPVENKVGKKGPKHLDDDEDRKNPAYIPRKGLFFEHDLRGQTQEEEVRPKGRQRKLWKDEG
RWEHDKFREDEQAPKSRQELIALYGYDIRSAHNP
;
T
#
# COMPACT_ATOMS: atom_id res chain seq x y z
N PRO A 1 8.87 4.48 14.62
CA PRO A 1 7.44 4.14 14.70
C PRO A 1 6.52 5.28 15.17
N THR A 2 6.76 6.49 14.66
CA THR A 2 5.90 7.65 14.91
C THR A 2 6.21 8.75 13.90
N PHE A 3 5.19 9.50 13.48
CA PHE A 3 5.42 10.65 12.59
C PHE A 3 5.64 11.92 13.38
N ASP A 4 4.87 12.08 14.45
CA ASP A 4 4.99 13.24 15.34
C ASP A 4 6.44 13.52 15.77
N THR A 5 7.19 12.47 16.11
CA THR A 5 8.62 12.63 16.41
C THR A 5 9.36 13.39 15.30
N MET A 6 8.96 13.14 14.05
CA MET A 6 9.75 13.56 12.88
C MET A 6 9.58 15.02 12.47
N GLY A 7 8.98 15.83 13.33
CA GLY A 7 8.77 17.23 12.99
C GLY A 7 8.42 17.44 11.53
N LEU A 8 7.27 16.90 11.12
CA LEU A 8 6.69 17.21 9.80
C LEU A 8 5.73 18.37 9.98
N ARG A 9 5.20 18.89 8.89
CA ARG A 9 4.28 20.02 8.99
C ARG A 9 2.90 19.49 9.39
N GLU A 10 2.17 20.23 10.20
CA GLU A 10 0.91 19.73 10.71
C GLU A 10 -0.10 19.53 9.61
N ASP A 11 -0.08 20.37 8.58
CA ASP A 11 -1.05 20.24 7.46
C ASP A 11 -0.85 18.92 6.72
N LEU A 12 0.40 18.48 6.69
CA LEU A 12 0.73 17.20 6.10
C LEU A 12 0.38 16.12 7.10
N LEU A 13 0.86 16.30 8.33
CA LEU A 13 0.66 15.35 9.41
C LEU A 13 -0.82 14.94 9.60
N ARG A 14 -1.75 15.86 9.37
CA ARG A 14 -3.16 15.50 9.38
C ARG A 14 -3.43 14.59 8.21
N GLY A 15 -3.08 15.05 7.01
CA GLY A 15 -3.18 14.23 5.80
C GLY A 15 -2.71 12.79 6.01
N ILE A 16 -1.56 12.62 6.68
CA ILE A 16 -1.00 11.27 6.96
C ILE A 16 -2.01 10.45 7.75
N TYR A 17 -2.45 11.00 8.88
CA TYR A 17 -3.41 10.31 9.73
C TYR A 17 -4.78 10.21 9.04
N ALA A 18 -5.15 11.24 8.29
CA ALA A 18 -6.43 11.27 7.57
C ALA A 18 -6.44 10.25 6.44
N TYR A 19 -5.31 10.08 5.80
CA TYR A 19 -5.14 9.05 4.80
C TYR A 19 -5.19 7.64 5.38
N GLY A 20 -4.99 7.53 6.70
CA GLY A 20 -5.07 6.27 7.44
C GLY A 20 -3.72 5.62 7.74
N PHE A 21 -2.65 6.34 7.42
CA PHE A 21 -1.32 5.74 7.44
C PHE A 21 -0.89 5.45 8.88
N GLU A 22 -0.81 4.15 9.21
CA GLU A 22 -0.26 3.66 10.49
C GLU A 22 1.13 4.19 10.71
N LYS A 23 1.43 4.67 11.94
CA LYS A 23 2.83 4.91 12.34
C LYS A 23 3.76 4.09 11.39
N PRO A 24 4.85 4.70 10.88
CA PRO A 24 5.65 4.04 9.87
C PRO A 24 6.70 3.10 10.44
N SER A 25 7.12 2.14 9.63
CA SER A 25 8.13 1.17 10.05
C SER A 25 9.46 1.87 10.34
N ALA A 26 10.25 1.23 11.19
CA ALA A 26 11.60 1.69 11.45
C ALA A 26 12.27 2.12 10.14
N ILE A 27 12.18 1.25 9.13
CA ILE A 27 12.83 1.46 7.85
C ILE A 27 12.33 2.67 7.10
N GLN A 28 11.01 2.74 6.96
CA GLN A 28 10.36 3.84 6.26
C GLN A 28 10.78 5.15 6.87
N GLN A 29 10.66 5.23 8.19
CA GLN A 29 11.04 6.40 8.93
C GLN A 29 12.45 6.80 8.59
N ARG A 30 13.32 5.82 8.44
CA ARG A 30 14.69 6.14 8.14
C ARG A 30 14.77 6.86 6.81
N ALA A 31 14.12 6.28 5.81
CA ALA A 31 14.09 6.84 4.47
C ALA A 31 13.58 8.25 4.50
N ILE A 32 12.44 8.43 5.16
CA ILE A 32 11.79 9.74 5.26
C ILE A 32 12.73 10.74 5.92
N LYS A 33 13.25 10.41 7.10
CA LYS A 33 14.24 11.26 7.76
C LYS A 33 15.24 11.77 6.74
N GLN A 34 15.73 10.87 5.90
CA GLN A 34 16.90 11.10 5.05
C GLN A 34 16.55 11.80 3.74
N ILE A 35 15.38 11.51 3.21
CA ILE A 35 14.92 12.23 2.05
C ILE A 35 14.84 13.69 2.43
N ILE A 36 14.21 13.94 3.58
CA ILE A 36 14.03 15.28 4.13
C ILE A 36 15.36 15.94 4.45
N LYS A 37 16.31 15.20 5.00
CA LYS A 37 17.63 15.77 5.29
C LYS A 37 18.28 16.21 3.99
N GLY A 38 17.71 15.75 2.88
CA GLY A 38 18.12 16.21 1.58
C GLY A 38 19.23 15.38 0.97
N ARG A 39 19.17 14.06 1.18
CA ARG A 39 20.18 13.14 0.68
C ARG A 39 19.61 12.32 -0.46
N ASP A 40 20.46 11.95 -1.42
CA ASP A 40 20.05 11.02 -2.44
C ASP A 40 19.85 9.67 -1.76
N VAL A 41 18.67 9.10 -1.90
CA VAL A 41 18.31 7.84 -1.26
C VAL A 41 18.07 6.79 -2.33
N ILE A 42 18.58 5.60 -2.08
CA ILE A 42 18.22 4.40 -2.78
C ILE A 42 17.44 3.65 -1.73
N ALA A 43 16.23 3.26 -2.02
CA ALA A 43 15.47 2.56 -1.01
C ALA A 43 14.86 1.28 -1.54
N GLN A 44 15.45 0.15 -1.16
CA GLN A 44 14.84 -1.13 -1.46
C GLN A 44 13.50 -1.13 -0.78
N SER A 45 12.57 -1.86 -1.35
CA SER A 45 11.18 -1.72 -1.02
C SER A 45 10.50 -3.10 -0.82
N GLN A 46 9.25 -3.05 -0.39
CA GLN A 46 8.53 -4.25 -0.06
C GLN A 46 7.04 -3.98 0.02
N SER A 47 6.26 -4.98 -0.39
CA SER A 47 4.81 -4.97 -0.26
C SER A 47 4.51 -4.76 1.21
N GLY A 48 3.82 -3.66 1.48
CA GLY A 48 3.53 -3.20 2.83
C GLY A 48 3.00 -1.78 2.80
N THR A 49 2.02 -1.50 3.65
CA THR A 49 1.36 -0.19 3.73
C THR A 49 2.01 0.94 2.91
N GLY A 50 3.02 1.59 3.47
CA GLY A 50 3.49 2.87 2.95
C GLY A 50 4.31 2.78 1.66
N LYS A 51 4.19 1.67 0.95
CA LYS A 51 5.03 1.41 -0.22
C LYS A 51 5.40 2.71 -0.90
N THR A 52 4.39 3.44 -1.36
CA THR A 52 4.59 4.68 -2.15
C THR A 52 4.41 5.92 -1.24
N ALA A 53 3.40 5.86 -0.36
CA ALA A 53 3.12 6.94 0.59
C ALA A 53 4.38 7.38 1.30
N THR A 54 5.23 6.41 1.66
CA THR A 54 6.47 6.68 2.38
C THR A 54 7.34 7.73 1.68
N PHE A 55 7.41 7.71 0.35
CA PHE A 55 8.19 8.74 -0.35
C PHE A 55 7.32 9.96 -0.67
N SER A 56 6.03 9.72 -0.89
CA SER A 56 5.05 10.80 -1.12
C SER A 56 4.98 11.78 0.05
N VAL A 57 5.01 11.23 1.25
CA VAL A 57 5.13 12.02 2.47
C VAL A 57 6.35 12.91 2.32
N SER A 58 7.46 12.27 1.95
CA SER A 58 8.73 12.93 1.91
C SER A 58 8.69 14.08 0.94
N VAL A 59 8.16 13.85 -0.24
CA VAL A 59 8.19 14.91 -1.22
C VAL A 59 7.30 16.07 -0.76
N LEU A 60 6.22 15.73 -0.07
CA LEU A 60 5.28 16.72 0.40
C LEU A 60 5.87 17.61 1.49
N GLN A 61 6.57 17.04 2.46
CA GLN A 61 7.24 17.85 3.48
C GLN A 61 8.12 18.91 2.83
N CYS A 62 9.03 18.45 1.98
CA CYS A 62 10.04 19.29 1.34
C CYS A 62 9.47 20.32 0.32
N LEU A 63 8.18 20.21 -0.03
CA LEU A 63 7.51 21.21 -0.87
C LEU A 63 7.36 22.56 -0.18
N ASP A 64 7.24 23.64 -0.97
CA ASP A 64 6.88 24.97 -0.47
C ASP A 64 5.80 25.50 -1.40
N ILE A 65 4.61 25.65 -0.86
CA ILE A 65 3.43 25.92 -1.67
C ILE A 65 3.43 27.32 -2.32
N GLN A 66 4.08 28.30 -1.69
CA GLN A 66 4.15 29.65 -2.25
C GLN A 66 4.76 29.61 -3.63
N VAL A 67 5.90 28.92 -3.74
CA VAL A 67 6.52 28.67 -5.04
C VAL A 67 5.58 27.79 -5.85
N ARG A 68 4.83 28.41 -6.75
CA ARG A 68 3.80 27.70 -7.51
C ARG A 68 4.33 27.10 -8.83
N GLU A 69 5.52 26.56 -8.81
CA GLU A 69 6.07 25.82 -9.96
C GLU A 69 6.42 24.37 -9.55
N THR A 70 6.89 23.56 -10.50
CA THR A 70 7.15 22.15 -10.21
C THR A 70 8.45 21.94 -9.45
N GLN A 71 8.31 21.45 -8.22
CA GLN A 71 9.44 21.34 -7.31
C GLN A 71 9.87 19.90 -7.13
N ALA A 72 8.97 18.97 -7.39
CA ALA A 72 9.31 17.56 -7.33
C ALA A 72 8.79 16.86 -8.55
N LEU A 73 9.60 15.97 -9.08
CA LEU A 73 9.28 15.28 -10.31
C LEU A 73 9.43 13.82 -10.02
N ILE A 74 8.35 13.07 -10.18
CA ILE A 74 8.35 11.69 -9.77
C ILE A 74 7.96 10.83 -10.98
N LEU A 75 8.88 9.96 -11.40
CA LEU A 75 8.73 9.14 -12.59
C LEU A 75 8.48 7.69 -12.24
N ALA A 76 7.54 7.08 -12.95
CA ALA A 76 7.11 5.72 -12.67
C ALA A 76 7.03 4.92 -13.96
N PRO A 77 7.01 3.59 -13.87
CA PRO A 77 7.00 2.80 -15.09
C PRO A 77 5.73 2.92 -15.96
N THR A 78 4.58 3.33 -15.43
CA THR A 78 3.34 3.45 -16.26
C THR A 78 2.43 4.61 -15.89
N ARG A 79 1.69 5.08 -16.89
CA ARG A 79 0.58 6.00 -16.67
C ARG A 79 -0.21 5.59 -15.44
N GLU A 80 -0.69 4.34 -15.43
CA GLU A 80 -1.50 3.82 -14.32
C GLU A 80 -0.87 4.06 -12.96
N LEU A 81 0.30 3.46 -12.74
CA LEU A 81 1.05 3.59 -11.49
C LEU A 81 1.28 5.06 -11.12
N ALA A 82 1.52 5.90 -12.13
CA ALA A 82 1.71 7.32 -11.92
C ALA A 82 0.42 8.03 -11.47
N VAL A 83 -0.74 7.54 -11.88
CA VAL A 83 -1.99 8.11 -11.43
C VAL A 83 -2.23 7.76 -9.97
N GLN A 84 -1.93 6.52 -9.61
CA GLN A 84 -1.99 6.09 -8.21
C GLN A 84 -1.11 6.99 -7.37
N VAL A 85 0.11 7.22 -7.82
CA VAL A 85 0.99 8.16 -7.16
C VAL A 85 0.33 9.53 -7.05
N GLN A 86 -0.21 10.02 -8.16
CA GLN A 86 -0.89 11.29 -8.17
C GLN A 86 -1.93 11.29 -7.06
N LYS A 87 -2.89 10.38 -7.15
CA LYS A 87 -3.99 10.35 -6.18
C LYS A 87 -3.50 10.24 -4.75
N GLY A 88 -2.43 9.48 -4.54
CA GLY A 88 -1.85 9.33 -3.20
C GLY A 88 -1.37 10.66 -2.71
N LEU A 89 -0.55 11.31 -3.54
CA LEU A 89 -0.03 12.65 -3.28
C LEU A 89 -1.13 13.63 -2.91
N LEU A 90 -2.22 13.61 -3.67
CA LEU A 90 -3.36 14.48 -3.43
C LEU A 90 -3.93 14.20 -2.06
N ALA A 91 -4.24 12.94 -1.82
CA ALA A 91 -4.84 12.51 -0.57
C ALA A 91 -4.06 13.04 0.60
N LEU A 92 -2.78 12.68 0.66
CA LEU A 92 -1.93 13.16 1.74
C LEU A 92 -1.88 14.69 1.74
N GLY A 93 -1.79 15.28 0.55
CA GLY A 93 -1.69 16.73 0.41
C GLY A 93 -3.00 17.52 0.51
N ASP A 94 -4.11 16.84 0.75
CA ASP A 94 -5.43 17.50 0.72
C ASP A 94 -5.64 18.49 1.87
N TYR A 95 -4.68 18.58 2.78
CA TYR A 95 -4.68 19.61 3.80
C TYR A 95 -3.49 20.55 3.65
N MET A 96 -2.87 20.54 2.47
CA MET A 96 -1.69 21.35 2.21
C MET A 96 -1.91 22.36 1.08
N ASN A 97 -3.12 22.39 0.52
CA ASN A 97 -3.38 23.10 -0.72
C ASN A 97 -2.27 22.73 -1.71
N VAL A 98 -2.08 21.43 -1.92
CA VAL A 98 -1.06 20.92 -2.81
C VAL A 98 -1.56 20.91 -4.25
N GLN A 99 -0.62 21.07 -5.19
CA GLN A 99 -0.89 21.01 -6.64
C GLN A 99 0.08 20.06 -7.36
N CYS A 100 -0.46 18.94 -7.82
CA CYS A 100 0.29 17.95 -8.57
C CYS A 100 -0.48 17.57 -9.82
N HIS A 101 0.06 16.63 -10.59
CA HIS A 101 -0.62 16.17 -11.77
C HIS A 101 0.06 14.95 -12.34
N ALA A 102 -0.72 14.00 -12.82
CA ALA A 102 -0.16 12.91 -13.60
C ALA A 102 -0.26 13.30 -15.06
N CYS A 103 0.89 13.47 -15.72
CA CYS A 103 0.91 13.63 -17.17
C CYS A 103 0.44 12.31 -17.79
N ILE A 104 -0.86 12.19 -18.06
CA ILE A 104 -1.44 10.97 -18.62
C ILE A 104 -1.17 10.94 -20.12
N GLY A 105 -1.47 12.07 -20.77
CA GLY A 105 -1.28 12.31 -22.21
C GLY A 105 -1.31 11.17 -23.22
N GLY A 106 -2.31 10.28 -23.14
CA GLY A 106 -3.48 10.44 -22.30
C GLY A 106 -4.30 11.58 -22.84
N THR A 107 -4.61 11.49 -24.14
CA THR A 107 -5.38 12.51 -24.85
C THR A 107 -6.60 12.92 -24.03
N ASN A 108 -6.65 14.16 -23.53
CA ASN A 108 -5.75 15.25 -23.95
C ASN A 108 -4.41 15.40 -23.18
N VAL A 109 -3.33 15.36 -23.94
CA VAL A 109 -2.10 16.00 -23.55
C VAL A 109 -2.35 17.50 -23.44
N GLY A 110 -3.31 18.01 -24.22
CA GLY A 110 -3.75 19.40 -24.13
C GLY A 110 -4.10 19.82 -22.71
N GLU A 111 -4.99 19.07 -22.06
CA GLU A 111 -5.27 19.28 -20.64
C GLU A 111 -4.00 19.15 -19.80
N ASP A 112 -3.10 18.24 -20.16
CA ASP A 112 -1.80 18.15 -19.48
C ASP A 112 -0.98 19.43 -19.68
N ILE A 113 -0.64 19.74 -20.94
CA ILE A 113 0.03 21.00 -21.29
C ILE A 113 -0.64 22.20 -20.65
N ARG A 114 -1.95 22.13 -20.50
CA ARG A 114 -2.70 23.15 -19.77
C ARG A 114 -2.44 23.01 -18.27
N LYS A 115 -2.58 21.81 -17.75
CA LYS A 115 -2.44 21.58 -16.31
C LYS A 115 -1.05 21.97 -15.78
N LEU A 116 -0.01 21.75 -16.56
CA LEU A 116 1.35 22.02 -16.08
C LEU A 116 1.73 23.48 -16.16
N ASP A 117 1.42 24.11 -17.28
CA ASP A 117 1.53 25.56 -17.43
C ASP A 117 0.86 26.27 -16.25
N TYR A 118 -0.25 25.72 -15.75
CA TYR A 118 -1.05 26.40 -14.73
C TYR A 118 -0.55 26.20 -13.30
N GLY A 119 0.64 25.65 -13.13
CA GLY A 119 1.29 25.50 -11.81
C GLY A 119 1.07 24.15 -11.14
N GLN A 120 2.13 23.37 -11.02
CA GLN A 120 2.07 22.10 -10.30
C GLN A 120 3.33 21.90 -9.46
N HIS A 121 3.14 21.75 -8.15
CA HIS A 121 4.26 21.62 -7.23
C HIS A 121 4.97 20.31 -7.47
N VAL A 122 4.19 19.25 -7.62
CA VAL A 122 4.74 17.93 -7.95
C VAL A 122 4.17 17.46 -9.27
N VAL A 123 4.91 16.62 -9.95
CA VAL A 123 4.52 16.15 -11.27
C VAL A 123 4.93 14.71 -11.42
N ALA A 124 3.97 13.87 -11.82
CA ALA A 124 4.24 12.45 -12.03
C ALA A 124 3.96 12.11 -13.48
N GLY A 125 4.57 11.02 -13.95
CA GLY A 125 4.36 10.56 -15.31
C GLY A 125 5.47 9.63 -15.74
N THR A 126 5.27 9.00 -16.90
CA THR A 126 6.25 8.06 -17.42
C THR A 126 7.40 8.85 -18.00
N PRO A 127 8.64 8.34 -17.85
CA PRO A 127 9.83 9.08 -18.24
C PRO A 127 9.73 9.74 -19.61
N GLY A 128 9.00 9.11 -20.52
CA GLY A 128 8.71 9.73 -21.81
C GLY A 128 7.77 10.91 -21.66
N ARG A 129 6.53 10.60 -21.28
CA ARG A 129 5.52 11.62 -21.07
C ARG A 129 6.09 12.88 -20.48
N VAL A 130 6.92 12.71 -19.47
CA VAL A 130 7.52 13.85 -18.87
C VAL A 130 8.46 14.49 -19.87
N PHE A 131 9.31 13.68 -20.48
CA PHE A 131 10.27 14.18 -21.47
C PHE A 131 9.56 14.79 -22.66
N ASP A 132 8.31 14.37 -22.90
CA ASP A 132 7.47 15.08 -23.87
C ASP A 132 7.28 16.52 -23.39
N MET A 133 6.68 16.69 -22.22
CA MET A 133 6.38 18.03 -21.75
C MET A 133 7.60 18.81 -21.24
N ILE A 134 8.78 18.25 -21.43
CA ILE A 134 9.99 19.03 -21.35
C ILE A 134 10.32 19.55 -22.74
N ARG A 135 10.24 18.70 -23.76
CA ARG A 135 10.52 19.13 -25.16
C ARG A 135 9.47 20.10 -25.66
N ARG A 136 8.21 19.78 -25.38
CA ARG A 136 7.13 20.66 -25.71
C ARG A 136 7.14 21.87 -24.75
N ARG A 137 8.15 21.93 -23.87
CA ARG A 137 8.35 23.05 -22.92
C ARG A 137 7.14 23.39 -22.01
N SER A 138 6.22 22.43 -21.84
CA SER A 138 5.03 22.61 -21.01
C SER A 138 5.40 22.53 -19.53
N LEU A 139 6.47 21.80 -19.23
CA LEU A 139 6.96 21.59 -17.88
C LEU A 139 8.24 22.38 -17.69
N ARG A 140 8.17 23.43 -16.88
CA ARG A 140 9.36 24.22 -16.54
C ARG A 140 10.16 23.49 -15.46
N THR A 141 11.47 23.40 -15.67
CA THR A 141 12.35 22.53 -14.90
C THR A 141 13.05 23.28 -13.79
N ARG A 142 13.01 24.60 -13.87
CA ARG A 142 14.00 25.48 -13.20
C ARG A 142 14.17 25.28 -11.67
N ALA A 143 13.09 25.02 -10.95
CA ALA A 143 13.19 24.97 -9.50
C ALA A 143 12.80 23.61 -8.96
N ILE A 144 13.36 22.56 -9.55
CA ILE A 144 13.13 21.20 -9.08
C ILE A 144 14.15 20.83 -8.04
N LYS A 145 13.71 20.65 -6.81
CA LYS A 145 14.61 20.19 -5.77
C LYS A 145 14.82 18.66 -5.86
N MET A 146 13.78 17.88 -6.20
CA MET A 146 13.98 16.43 -6.22
C MET A 146 13.32 15.63 -7.33
N LEU A 147 14.07 14.63 -7.81
CA LEU A 147 13.60 13.66 -8.79
C LEU A 147 13.41 12.31 -8.10
N VAL A 148 12.25 11.70 -8.27
CA VAL A 148 11.98 10.41 -7.67
C VAL A 148 11.74 9.38 -8.76
N LEU A 149 12.44 8.25 -8.66
CA LEU A 149 12.32 7.19 -9.65
C LEU A 149 11.64 6.00 -9.01
N ASP A 150 10.32 5.97 -9.06
CA ASP A 150 9.55 4.88 -8.49
C ASP A 150 9.65 3.68 -9.42
N GLU A 151 9.60 2.50 -8.83
CA GLU A 151 9.79 1.22 -9.51
C GLU A 151 10.90 1.28 -10.54
N ALA A 152 12.10 1.64 -10.09
CA ALA A 152 13.26 1.67 -10.96
C ALA A 152 13.53 0.30 -11.61
N ASP A 153 13.37 -0.75 -10.83
CA ASP A 153 13.48 -2.09 -11.38
C ASP A 153 12.68 -2.19 -12.68
N GLU A 154 11.45 -1.69 -12.66
CA GLU A 154 10.56 -1.84 -13.79
C GLU A 154 10.83 -0.86 -14.94
N MET A 155 11.68 0.14 -14.69
CA MET A 155 11.92 1.23 -15.61
C MET A 155 13.33 1.08 -16.12
N LEU A 156 14.23 1.03 -15.15
CA LEU A 156 15.64 1.35 -15.33
C LEU A 156 16.34 0.21 -15.99
N ASN A 157 15.75 -0.95 -15.77
CA ASN A 157 16.27 -2.22 -16.23
C ASN A 157 15.64 -2.60 -17.58
N LYS A 158 14.50 -2.00 -17.88
CA LYS A 158 13.55 -2.56 -18.83
C LYS A 158 13.15 -1.59 -19.96
N GLY A 159 14.04 -0.62 -20.24
CA GLY A 159 13.99 0.18 -21.47
C GLY A 159 13.95 1.70 -21.35
N PHE A 160 14.01 2.22 -20.12
CA PHE A 160 13.79 3.65 -19.88
C PHE A 160 15.10 4.37 -19.49
N LYS A 161 16.22 3.64 -19.37
CA LYS A 161 17.50 4.22 -18.97
C LYS A 161 17.72 5.45 -19.83
N GLU A 162 17.44 5.30 -21.12
CA GLU A 162 17.41 6.43 -22.08
C GLU A 162 16.36 7.46 -21.72
N GLN A 163 15.08 7.04 -21.69
CA GLN A 163 14.00 7.99 -21.45
C GLN A 163 14.36 8.77 -20.18
N ILE A 164 14.67 8.03 -19.11
CA ILE A 164 14.95 8.64 -17.81
C ILE A 164 16.15 9.58 -17.92
N TYR A 165 17.28 9.06 -18.37
CA TYR A 165 18.46 9.91 -18.54
C TYR A 165 18.15 11.18 -19.35
N ASP A 166 17.35 11.07 -20.41
CA ASP A 166 17.00 12.25 -21.22
C ASP A 166 16.40 13.33 -20.31
N VAL A 167 15.50 12.92 -19.41
CA VAL A 167 14.89 13.87 -18.48
C VAL A 167 16.00 14.42 -17.64
N TYR A 168 16.72 13.55 -16.95
CA TYR A 168 17.81 13.94 -16.05
C TYR A 168 18.62 15.12 -16.57
N ARG A 169 19.00 15.06 -17.84
CA ARG A 169 19.79 16.13 -18.44
C ARG A 169 19.17 17.50 -18.22
N TYR A 170 17.85 17.62 -18.40
CA TYR A 170 17.17 18.92 -18.29
C TYR A 170 16.78 19.26 -16.86
N LEU A 171 17.71 19.21 -15.93
CA LEU A 171 17.40 19.51 -14.53
C LEU A 171 18.57 20.22 -13.86
N PRO A 172 18.30 21.03 -12.83
CA PRO A 172 19.40 21.77 -12.24
C PRO A 172 20.40 20.87 -11.50
N PRO A 173 21.67 21.30 -11.48
CA PRO A 173 22.69 20.46 -10.83
C PRO A 173 22.61 20.60 -9.31
N ALA A 174 23.34 19.81 -8.54
CA ALA A 174 22.97 18.46 -8.21
C ALA A 174 21.54 18.55 -7.65
N THR A 175 20.57 18.33 -8.51
CA THR A 175 19.22 17.96 -8.08
C THR A 175 19.31 16.66 -7.27
N GLN A 176 18.45 16.53 -6.26
CA GLN A 176 18.45 15.37 -5.39
C GLN A 176 17.72 14.20 -6.04
N VAL A 177 18.25 12.99 -5.85
CA VAL A 177 17.68 11.80 -6.45
C VAL A 177 17.29 10.77 -5.39
N VAL A 178 16.05 10.33 -5.46
CA VAL A 178 15.58 9.19 -4.69
C VAL A 178 15.17 8.08 -5.63
N LEU A 179 15.75 6.90 -5.46
CA LEU A 179 15.46 5.76 -6.30
C LEU A 179 14.74 4.75 -5.42
N ILE A 180 13.44 4.62 -5.63
CA ILE A 180 12.68 3.62 -4.92
C ILE A 180 12.49 2.42 -5.82
N SER A 181 12.87 1.24 -5.34
CA SER A 181 12.65 -0.01 -6.06
C SER A 181 12.65 -1.23 -5.15
N ALA A 182 11.70 -2.16 -5.40
CA ALA A 182 11.62 -3.42 -4.69
C ALA A 182 12.87 -4.24 -4.89
N THR A 183 13.29 -4.42 -6.13
CA THR A 183 14.55 -5.08 -6.42
C THR A 183 15.64 -4.07 -6.76
N LEU A 184 16.87 -4.39 -6.39
CA LEU A 184 18.00 -3.57 -6.76
C LEU A 184 19.11 -4.44 -7.29
N PRO A 185 18.99 -4.91 -8.55
CA PRO A 185 20.05 -5.69 -9.16
C PRO A 185 21.33 -4.86 -9.47
N HIS A 186 22.46 -5.54 -9.54
CA HIS A 186 23.75 -4.94 -9.93
C HIS A 186 23.64 -4.00 -11.14
N GLU A 187 22.90 -4.43 -12.18
CA GLU A 187 22.70 -3.64 -13.38
C GLU A 187 22.22 -2.24 -13.00
N ILE A 188 21.23 -2.18 -12.14
CA ILE A 188 20.73 -0.91 -11.64
C ILE A 188 21.76 -0.23 -10.72
N LEU A 189 22.45 -0.98 -9.88
CA LEU A 189 23.29 -0.32 -8.89
C LEU A 189 24.40 0.59 -9.45
N GLU A 190 24.97 0.30 -10.63
CA GLU A 190 25.88 1.27 -11.31
C GLU A 190 25.12 2.50 -11.82
N MET A 191 24.07 2.25 -12.58
CA MET A 191 23.10 3.27 -12.89
C MET A 191 23.11 4.42 -11.86
N THR A 192 22.93 4.08 -10.60
CA THR A 192 22.87 5.06 -9.54
C THR A 192 24.19 5.78 -9.36
N ASN A 193 25.29 5.03 -9.49
CA ASN A 193 26.59 5.70 -9.47
C ASN A 193 26.63 6.87 -10.43
N LYS A 194 25.88 6.81 -11.53
CA LYS A 194 25.90 7.84 -12.55
C LYS A 194 25.06 9.09 -12.21
N PHE A 195 24.00 8.98 -11.42
CA PHE A 195 23.23 10.18 -11.04
C PHE A 195 23.13 10.52 -9.58
N MET A 196 23.55 9.62 -8.69
CA MET A 196 23.45 9.88 -7.27
C MET A 196 24.80 10.30 -6.82
N THR A 197 24.92 10.69 -5.55
CA THR A 197 26.23 10.98 -4.94
C THR A 197 26.20 10.59 -3.47
N ASP A 198 27.28 9.95 -3.01
CA ASP A 198 27.41 9.44 -1.64
C ASP A 198 26.04 9.05 -1.11
N PRO A 199 25.36 8.16 -1.84
CA PRO A 199 23.96 7.96 -1.51
C PRO A 199 23.78 7.10 -0.24
N ILE A 200 22.65 7.28 0.42
CA ILE A 200 22.21 6.36 1.43
C ILE A 200 21.58 5.21 0.68
N ARG A 201 21.69 4.02 1.25
CA ARG A 201 21.13 2.83 0.67
C ARG A 201 20.42 2.14 1.78
N ILE A 202 19.11 2.05 1.70
CA ILE A 202 18.34 1.32 2.68
C ILE A 202 17.78 0.08 2.01
N LEU A 203 18.41 -1.06 2.27
CA LEU A 203 17.99 -2.30 1.64
C LEU A 203 17.30 -3.20 2.66
N VAL A 204 16.43 -4.09 2.18
CA VAL A 204 15.72 -4.99 3.06
C VAL A 204 16.67 -6.01 3.66
N LYS A 205 17.41 -6.69 2.78
CA LYS A 205 18.33 -7.74 3.18
C LYS A 205 19.67 -7.12 3.54
N ARG A 206 20.28 -7.67 4.60
CA ARG A 206 21.52 -7.15 5.19
C ARG A 206 22.64 -7.28 4.22
N ASP A 207 23.70 -6.51 4.46
CA ASP A 207 24.86 -6.53 3.60
C ASP A 207 26.14 -6.34 4.41
N GLU A 208 27.12 -7.23 4.29
CA GLU A 208 28.38 -7.11 5.04
C GLU A 208 29.27 -6.02 4.46
N LEU A 209 30.43 -5.79 5.08
CA LEU A 209 31.52 -4.96 4.52
C LEU A 209 32.70 -5.82 4.11
N THR A 210 32.79 -6.22 2.85
CA THR A 210 33.96 -6.98 2.40
C THR A 210 35.17 -6.08 2.34
N LEU A 211 36.31 -6.72 2.17
CA LEU A 211 37.54 -6.01 1.92
C LEU A 211 37.96 -6.20 0.46
N GLU A 212 37.11 -6.88 -0.31
CA GLU A 212 37.51 -7.64 -1.51
C GLU A 212 37.68 -6.83 -2.79
N GLY A 213 37.08 -5.63 -2.83
CA GLY A 213 37.27 -4.73 -3.97
C GLY A 213 38.40 -3.72 -3.80
N ILE A 214 38.98 -3.67 -2.62
CA ILE A 214 39.84 -2.56 -2.21
C ILE A 214 41.31 -2.91 -2.32
N LYS A 215 42.08 -2.07 -2.99
CA LYS A 215 43.52 -2.29 -3.09
C LYS A 215 44.19 -1.59 -1.92
N GLN A 216 44.91 -2.37 -1.10
CA GLN A 216 45.50 -1.86 0.14
C GLN A 216 47.01 -1.71 0.02
N PHE A 217 47.53 -0.59 0.51
CA PHE A 217 48.95 -0.31 0.41
C PHE A 217 49.40 0.29 1.71
N PHE A 218 50.70 0.26 1.94
CA PHE A 218 51.25 0.93 3.09
C PHE A 218 52.57 1.62 2.74
N VAL A 219 52.74 2.83 3.26
CA VAL A 219 53.95 3.58 3.10
C VAL A 219 54.77 3.36 4.36
N ALA A 220 55.89 2.67 4.21
CA ALA A 220 56.85 2.55 5.31
C ALA A 220 57.40 3.95 5.56
N VAL A 221 56.87 4.63 6.58
CA VAL A 221 57.07 6.08 6.71
C VAL A 221 58.54 6.47 7.08
N GLU A 222 59.14 6.10 8.22
CA GLU A 222 58.57 5.28 9.28
C GLU A 222 58.99 5.86 10.66
N ARG A 223 58.70 7.14 10.88
CA ARG A 223 58.74 7.77 12.20
C ARG A 223 57.85 9.03 12.15
N GLU A 224 56.88 9.14 13.06
CA GLU A 224 55.90 10.22 13.00
C GLU A 224 56.39 11.62 13.40
N GLU A 225 57.21 12.17 12.52
CA GLU A 225 56.69 13.10 11.53
C GLU A 225 57.57 13.00 10.28
N TRP A 226 57.45 11.85 9.61
CA TRP A 226 57.68 11.75 8.17
C TRP A 226 56.36 11.32 7.52
N LYS A 227 55.31 11.27 8.33
CA LYS A 227 54.02 10.81 7.87
C LYS A 227 53.36 11.92 7.05
N PHE A 228 53.28 13.13 7.61
CA PHE A 228 52.75 14.27 6.84
C PHE A 228 53.57 14.44 5.57
N ASP A 229 54.89 14.56 5.72
CA ASP A 229 55.76 14.69 4.56
C ASP A 229 55.41 13.70 3.44
N THR A 230 55.11 12.46 3.78
CA THR A 230 54.72 11.49 2.75
C THR A 230 53.31 11.76 2.26
N LEU A 231 52.41 12.10 3.17
CA LEU A 231 51.07 12.46 2.74
C LEU A 231 51.17 13.57 1.68
N CYS A 232 51.99 14.58 1.95
CA CYS A 232 52.17 15.70 1.03
C CYS A 232 52.64 15.22 -0.33
N ASP A 233 53.66 14.38 -0.32
CA ASP A 233 54.11 13.74 -1.54
C ASP A 233 52.93 13.08 -2.22
N LEU A 234 52.20 12.29 -1.43
CA LEU A 234 51.14 11.46 -1.95
C LEU A 234 50.20 12.28 -2.82
N TYR A 235 49.56 13.29 -2.23
CA TYR A 235 48.45 13.92 -2.92
C TYR A 235 48.94 14.86 -4.00
N ASP A 236 48.95 14.30 -5.20
CA ASP A 236 49.63 14.85 -6.35
C ASP A 236 49.49 13.84 -7.49
N ILE A 240 44.52 13.56 -6.08
CA ILE A 240 44.11 14.95 -6.30
C ILE A 240 42.64 15.23 -5.91
N THR A 241 41.78 14.20 -5.99
CA THR A 241 40.33 14.35 -5.75
C THR A 241 39.94 14.14 -4.28
N GLN A 242 38.85 13.42 -4.00
CA GLN A 242 38.30 13.34 -2.64
C GLN A 242 38.88 12.12 -1.87
N ALA A 243 39.09 12.26 -0.56
CA ALA A 243 39.68 11.18 0.27
C ALA A 243 39.56 11.39 1.76
N VAL A 244 39.42 10.30 2.50
CA VAL A 244 39.31 10.37 3.96
C VAL A 244 40.61 9.91 4.59
N ILE A 245 41.04 10.62 5.62
CA ILE A 245 42.29 10.34 6.31
C ILE A 245 41.97 10.12 7.78
N PHE A 246 42.18 8.89 8.26
CA PHE A 246 41.87 8.55 9.63
C PHE A 246 43.09 8.64 10.51
N CYS A 247 42.85 8.95 11.79
CA CYS A 247 43.86 8.97 12.86
C CYS A 247 43.20 8.46 14.13
N ASN A 248 43.86 7.71 14.98
CA ASN A 248 43.09 7.11 16.07
C ASN A 248 43.06 7.98 17.32
N THR A 249 43.25 9.28 17.14
CA THR A 249 43.11 10.24 18.23
C THR A 249 42.77 11.65 17.74
N LYS A 250 41.91 12.35 18.48
CA LYS A 250 41.52 13.73 18.16
C LYS A 250 42.71 14.68 18.14
N ARG A 251 43.74 14.36 18.93
CA ARG A 251 44.95 15.18 18.97
C ARG A 251 45.69 15.10 17.63
N LYS A 252 45.79 13.91 17.05
CA LYS A 252 46.38 13.78 15.73
C LYS A 252 45.55 14.56 14.70
N VAL A 253 44.23 14.35 14.74
CA VAL A 253 43.32 15.00 13.77
C VAL A 253 43.55 16.49 13.65
N ASP A 254 43.55 17.16 14.80
CA ASP A 254 43.71 18.60 14.85
C ASP A 254 45.07 19.04 14.32
N TRP A 255 46.11 18.35 14.74
CA TRP A 255 47.45 18.69 14.30
C TRP A 255 47.55 18.62 12.78
N LEU A 256 47.30 17.43 12.25
CA LEU A 256 47.40 17.20 10.81
C LEU A 256 46.57 18.18 10.00
N THR A 257 45.40 18.53 10.53
CA THR A 257 44.56 19.52 9.91
C THR A 257 45.31 20.85 9.81
N GLU A 258 45.72 21.41 10.96
CA GLU A 258 46.41 22.71 10.95
C GLU A 258 47.64 22.66 10.03
N LYS A 259 48.30 21.51 9.95
CA LYS A 259 49.43 21.32 9.00
C LYS A 259 48.96 21.19 7.55
N MET A 260 47.88 20.43 7.36
CA MET A 260 47.34 20.15 6.03
C MET A 260 46.84 21.42 5.39
N ARG A 261 46.40 22.35 6.24
CA ARG A 261 45.88 23.65 5.82
C ARG A 261 46.97 24.69 5.71
N GLU A 262 48.10 24.48 6.39
CA GLU A 262 49.26 25.29 6.06
C GLU A 262 49.47 25.08 4.55
N ALA A 263 49.53 23.82 4.15
CA ALA A 263 49.52 23.46 2.73
C ALA A 263 48.14 23.75 2.18
N ASN A 264 48.07 24.18 0.94
CA ASN A 264 46.77 24.42 0.34
C ASN A 264 46.09 23.08 0.11
N PHE A 265 45.41 22.57 1.13
CA PHE A 265 44.64 21.35 1.00
C PHE A 265 43.32 21.53 1.76
N THR A 266 42.30 22.07 1.09
CA THR A 266 41.02 22.37 1.73
C THR A 266 40.55 21.17 2.53
N VAL A 267 40.45 21.34 3.86
CA VAL A 267 40.22 20.22 4.78
C VAL A 267 38.92 20.29 5.58
N SER A 268 38.47 19.11 6.01
CA SER A 268 37.38 18.95 6.97
C SER A 268 37.84 18.00 8.08
N SER A 269 37.52 18.34 9.34
CA SER A 269 37.95 17.56 10.51
C SER A 269 36.75 17.14 11.37
N MET A 270 36.92 16.04 12.09
CA MET A 270 35.84 15.49 12.89
C MET A 270 36.36 14.70 14.08
N HIS A 271 35.60 14.75 15.16
CA HIS A 271 35.75 13.86 16.31
C HIS A 271 34.44 13.09 16.53
N GLY A 272 34.54 12.01 17.32
CA GLY A 272 33.40 11.42 18.02
C GLY A 272 32.91 12.30 19.15
N ASP A 273 33.85 12.98 19.81
CA ASP A 273 33.55 14.00 20.81
C ASP A 273 33.08 15.32 20.18
N MET A 274 32.18 15.22 19.18
CA MET A 274 31.39 16.35 18.67
C MET A 274 29.92 15.97 18.63
N PRO A 275 29.02 16.93 18.91
CA PRO A 275 27.58 16.64 18.79
C PRO A 275 27.25 16.06 17.42
N GLN A 276 26.04 15.50 17.27
CA GLN A 276 25.68 14.83 16.01
C GLN A 276 25.46 15.87 14.92
N LYS A 277 24.71 16.92 15.24
CA LYS A 277 24.40 17.94 14.23
C LYS A 277 25.69 18.60 13.74
N GLU A 278 26.78 18.48 14.52
CA GLU A 278 28.07 18.97 14.07
C GLU A 278 28.62 18.06 12.98
N ARG A 279 28.91 16.80 13.30
CA ARG A 279 29.54 15.92 12.29
C ARG A 279 28.65 15.80 11.05
N GLU A 280 27.33 15.86 11.27
CA GLU A 280 26.38 16.02 10.17
C GLU A 280 26.73 17.31 9.43
N SER A 281 26.81 18.41 10.17
CA SER A 281 27.12 19.69 9.55
C SER A 281 28.37 19.56 8.69
N ILE A 282 29.43 19.01 9.25
CA ILE A 282 30.70 18.88 8.53
C ILE A 282 30.51 18.10 7.25
N MET A 283 30.01 16.88 7.38
CA MET A 283 29.90 15.95 6.24
C MET A 283 29.03 16.49 5.11
N LYS A 284 28.04 17.30 5.47
CA LYS A 284 27.28 17.97 4.46
C LYS A 284 28.28 18.64 3.53
N GLU A 285 29.15 19.46 4.08
CA GLU A 285 30.17 20.15 3.28
C GLU A 285 31.09 19.21 2.52
N PHE A 286 31.76 18.29 3.22
CA PHE A 286 32.68 17.31 2.60
C PHE A 286 32.07 16.54 1.44
N ARG A 287 30.80 16.19 1.58
CA ARG A 287 30.06 15.56 0.49
C ARG A 287 29.70 16.56 -0.61
N SER A 288 29.50 17.83 -0.25
CA SER A 288 29.27 18.89 -1.24
C SER A 288 30.42 19.05 -2.23
N GLY A 289 31.61 18.57 -1.84
CA GLY A 289 32.82 18.75 -2.65
C GLY A 289 33.71 19.84 -2.05
N ALA A 290 33.08 20.82 -1.38
CA ALA A 290 33.79 21.96 -0.76
C ALA A 290 34.87 21.55 0.25
N SER A 291 35.08 20.25 0.44
CA SER A 291 36.26 19.73 1.10
C SER A 291 36.83 18.57 0.29
N ARG A 292 38.14 18.61 0.06
CA ARG A 292 38.79 17.54 -0.67
C ARG A 292 39.26 16.49 0.31
N VAL A 293 39.43 16.87 1.56
CA VAL A 293 40.15 16.02 2.49
C VAL A 293 39.51 15.99 3.88
N LEU A 294 38.75 14.93 4.13
CA LEU A 294 38.13 14.69 5.41
C LEU A 294 39.12 13.94 6.27
N ILE A 295 39.40 14.49 7.45
CA ILE A 295 40.28 13.86 8.43
C ILE A 295 39.51 13.70 9.73
N SER A 296 39.55 12.51 10.34
CA SER A 296 38.87 12.35 11.63
C SER A 296 39.25 11.11 12.42
N THR A 297 38.81 11.13 13.68
CA THR A 297 38.63 9.98 14.56
C THR A 297 37.65 8.98 13.96
N ASP A 298 37.68 7.74 14.45
CA ASP A 298 36.71 6.71 14.02
C ASP A 298 35.30 7.08 14.43
N VAL A 299 35.07 7.18 15.73
CA VAL A 299 33.75 7.50 16.31
C VAL A 299 32.50 6.96 15.56
N TRP A 300 32.25 7.51 14.37
CA TRP A 300 31.11 7.13 13.54
C TRP A 300 31.47 5.99 12.56
N ALA A 301 32.77 5.71 12.44
CA ALA A 301 33.32 4.63 11.59
C ALA A 301 32.42 3.39 11.64
N ARG A 302 32.12 2.89 12.85
CA ARG A 302 31.22 1.74 13.04
C ARG A 302 29.80 2.18 13.41
N ASP A 305 31.54 8.64 9.32
CA ASP A 305 31.41 7.52 8.39
C ASP A 305 30.06 7.58 7.66
N VAL A 306 29.94 6.94 6.48
CA VAL A 306 31.01 6.13 5.85
C VAL A 306 31.64 6.72 4.57
N PRO A 307 31.46 8.04 4.29
CA PRO A 307 31.21 8.55 2.92
C PRO A 307 31.87 7.75 1.78
N GLN A 308 31.07 7.16 0.90
CA GLN A 308 31.62 6.48 -0.26
C GLN A 308 32.71 7.35 -0.88
N VAL A 309 33.96 6.91 -0.73
CA VAL A 309 35.15 7.69 -1.11
C VAL A 309 36.19 6.80 -1.78
N SER A 310 36.72 7.27 -2.90
CA SER A 310 37.60 6.45 -3.73
C SER A 310 38.95 6.08 -3.10
N LEU A 311 39.44 6.92 -2.18
CA LEU A 311 40.77 6.76 -1.58
C LEU A 311 40.73 7.05 -0.10
N ILE A 312 41.10 6.06 0.71
CA ILE A 312 41.11 6.21 2.15
C ILE A 312 42.54 6.02 2.62
N ILE A 313 42.95 6.81 3.61
CA ILE A 313 44.29 6.72 4.16
C ILE A 313 44.20 6.51 5.63
N ASN A 314 44.99 5.57 6.16
CA ASN A 314 45.17 5.41 7.59
C ASN A 314 46.47 6.06 7.95
N TYR A 315 46.40 7.26 8.47
CA TYR A 315 47.60 7.98 8.90
C TYR A 315 48.14 7.27 10.12
N ASP A 316 47.22 6.75 10.93
CA ASP A 316 47.54 5.90 12.04
C ASP A 316 46.85 4.58 11.82
N LEU A 317 47.36 3.51 12.41
CA LEU A 317 46.73 2.19 12.32
C LEU A 317 45.97 1.87 13.59
N PRO A 318 44.69 1.50 13.47
CA PRO A 318 43.88 1.30 14.66
C PRO A 318 44.37 0.13 15.46
N ASN A 319 44.51 0.30 16.76
CA ASN A 319 44.86 -0.83 17.61
C ASN A 319 43.84 -1.93 17.48
N ASN A 320 42.57 -1.61 17.71
CA ASN A 320 41.52 -2.57 17.52
C ASN A 320 41.52 -2.91 16.06
N ARG A 321 41.57 -4.18 15.72
CA ARG A 321 41.68 -4.59 14.32
C ARG A 321 40.38 -4.43 13.58
N GLU A 322 39.26 -4.62 14.29
CA GLU A 322 37.95 -4.66 13.64
C GLU A 322 37.60 -3.30 13.03
N LEU A 323 38.16 -2.26 13.63
CA LEU A 323 38.08 -0.91 13.08
C LEU A 323 38.52 -0.86 11.65
N TYR A 324 39.67 -1.46 11.36
CA TYR A 324 40.26 -1.41 10.02
C TYR A 324 39.19 -1.43 8.96
N ILE A 325 38.29 -2.39 9.02
CA ILE A 325 37.31 -2.43 7.97
C ILE A 325 36.11 -1.56 8.19
N HIS A 326 35.98 -0.96 9.36
CA HIS A 326 35.02 0.11 9.53
C HIS A 326 35.57 1.39 8.91
N ARG A 327 36.87 1.62 9.08
CA ARG A 327 37.54 2.68 8.33
C ARG A 327 37.51 2.42 6.84
N ILE A 328 37.54 1.15 6.43
CA ILE A 328 37.70 0.81 5.01
C ILE A 328 36.89 -0.42 4.66
N GLY A 329 36.18 -0.38 3.58
CA GLY A 329 35.33 -1.49 3.28
C GLY A 329 34.09 -1.03 2.58
N ARG A 330 34.15 -1.10 1.25
CA ARG A 330 32.98 -1.39 0.49
C ARG A 330 32.42 -2.58 1.30
N SER A 331 31.12 -2.84 1.28
CA SER A 331 30.20 -2.21 0.40
C SER A 331 28.84 -2.74 0.77
N GLY A 332 28.54 -4.03 0.56
CA GLY A 332 29.46 -5.11 0.08
C GLY A 332 29.14 -5.50 -1.35
N ARG A 333 27.85 -5.77 -1.62
CA ARG A 333 27.32 -5.80 -2.99
C ARG A 333 27.37 -4.37 -3.60
N TYR A 334 26.21 -3.72 -3.74
CA TYR A 334 26.02 -2.35 -3.25
C TYR A 334 27.05 -1.26 -3.65
N GLY A 335 28.34 -1.43 -3.35
CA GLY A 335 29.29 -0.30 -3.29
C GLY A 335 30.69 -0.47 -3.84
N ARG A 336 31.48 0.58 -3.72
CA ARG A 336 32.55 0.85 -4.68
C ARG A 336 33.94 0.44 -4.21
N LYS A 337 34.68 -0.17 -5.13
CA LYS A 337 36.12 -0.42 -4.97
C LYS A 337 36.91 0.89 -4.93
N GLY A 338 38.08 0.80 -4.29
CA GLY A 338 38.89 1.96 -3.96
C GLY A 338 40.21 1.54 -3.35
N VAL A 339 40.94 2.52 -2.88
CA VAL A 339 42.26 2.27 -2.40
C VAL A 339 42.40 2.70 -0.98
N ALA A 340 43.04 1.85 -0.20
CA ALA A 340 43.40 2.22 1.13
C ALA A 340 44.88 2.42 1.05
N VAL A 341 45.40 3.28 1.91
CA VAL A 341 46.83 3.46 2.04
C VAL A 341 47.10 3.50 3.53
N ASN A 342 48.12 2.78 3.95
CA ASN A 342 48.47 2.73 5.36
C ASN A 342 49.85 3.31 5.61
N PHE A 343 49.89 4.24 6.57
CA PHE A 343 51.14 4.83 6.99
C PHE A 343 51.64 4.07 8.19
N VAL A 344 52.82 3.48 8.08
CA VAL A 344 53.27 2.56 9.10
C VAL A 344 54.64 2.92 9.63
N LYS A 345 54.68 3.25 10.93
CA LYS A 345 55.92 3.40 11.70
C LYS A 345 56.67 2.07 11.74
N ASN A 346 58.00 2.13 11.72
CA ASN A 346 58.75 0.93 11.97
C ASN A 346 58.15 0.21 13.17
N ASP A 347 57.70 0.99 14.16
CA ASP A 347 57.03 0.46 15.36
C ASP A 347 55.70 -0.29 15.05
N ASP A 348 54.92 0.23 14.10
CA ASP A 348 53.55 -0.26 13.91
C ASP A 348 53.44 -1.31 12.79
N ILE A 349 54.55 -1.90 12.38
CA ILE A 349 54.52 -2.88 11.28
C ILE A 349 53.94 -4.21 11.71
N ARG A 350 54.36 -4.64 12.89
CA ARG A 350 53.68 -5.70 13.60
C ARG A 350 52.16 -5.53 13.51
N VAL A 351 51.68 -4.41 14.02
CA VAL A 351 50.25 -4.16 14.05
C VAL A 351 49.69 -4.32 12.64
N LEU A 352 50.46 -3.91 11.63
CA LEU A 352 50.01 -4.09 10.26
C LEU A 352 49.92 -5.54 9.92
N ARG A 353 50.97 -6.29 10.26
CA ARG A 353 50.98 -7.73 10.01
C ARG A 353 49.79 -8.38 10.68
N ASP A 354 49.45 -7.94 11.88
CA ASP A 354 48.36 -8.60 12.58
C ASP A 354 47.01 -8.20 12.01
N ILE A 355 46.89 -6.98 11.48
CA ILE A 355 45.68 -6.61 10.76
C ILE A 355 45.62 -7.44 9.49
N GLU A 356 46.74 -7.48 8.78
CA GLU A 356 46.91 -8.34 7.59
C GLU A 356 46.33 -9.76 7.82
N GLN A 357 46.78 -10.38 8.90
CA GLN A 357 46.31 -11.71 9.33
C GLN A 357 44.87 -11.74 9.87
N TYR A 358 44.43 -10.68 10.51
CA TYR A 358 43.09 -10.65 11.05
C TYR A 358 42.13 -10.90 9.91
N TYR A 359 42.27 -10.13 8.83
CA TYR A 359 41.33 -10.18 7.71
C TYR A 359 41.76 -11.14 6.63
N SER A 360 42.92 -11.76 6.79
CA SER A 360 43.40 -12.77 5.84
C SER A 360 43.50 -12.13 4.46
N THR A 361 44.34 -11.11 4.37
CA THR A 361 44.37 -10.20 3.23
C THR A 361 45.82 -9.71 2.98
N GLN A 362 46.24 -9.64 1.72
CA GLN A 362 47.56 -9.07 1.40
C GLN A 362 47.43 -7.54 1.50
N ILE A 363 48.47 -6.91 2.07
CA ILE A 363 48.62 -5.45 2.11
C ILE A 363 49.97 -5.10 1.52
N ASP A 364 50.01 -4.81 0.23
CA ASP A 364 51.28 -4.71 -0.48
C ASP A 364 51.84 -3.33 -0.23
N GLU A 365 53.14 -3.15 -0.46
CA GLU A 365 53.74 -1.84 -0.32
C GLU A 365 53.42 -0.96 -1.52
N MET A 366 53.41 0.35 -1.29
CA MET A 366 52.88 1.32 -2.23
C MET A 366 53.83 1.56 -3.39
N PRO A 367 53.43 1.14 -4.61
CA PRO A 367 54.33 1.07 -5.75
C PRO A 367 54.49 2.37 -6.56
N MET A 368 53.88 3.46 -6.09
CA MET A 368 53.90 4.75 -6.81
C MET A 368 53.13 4.74 -8.15
N ASN A 369 51.81 4.57 -8.10
CA ASN A 369 50.93 4.60 -9.29
C ASN A 369 49.43 4.76 -8.95
N VAL A 370 48.68 5.37 -9.86
CA VAL A 370 47.26 5.68 -9.60
C VAL A 370 46.28 4.88 -10.47
N ALA A 371 45.72 3.83 -9.87
CA ALA A 371 44.56 3.09 -10.40
C ALA A 371 43.47 3.17 -9.34
N PRO B 1 -12.34 -0.38 15.28
CA PRO B 1 -10.96 0.08 15.29
C PRO B 1 -10.01 -0.87 16.02
N THR B 2 -10.14 -2.17 15.75
CA THR B 2 -9.20 -3.16 16.26
C THR B 2 -9.40 -4.45 15.46
N PHE B 3 -8.32 -5.21 15.27
CA PHE B 3 -8.40 -6.53 14.64
C PHE B 3 -8.58 -7.62 15.68
N ASP B 4 -7.84 -7.51 16.78
CA ASP B 4 -7.89 -8.47 17.89
C ASP B 4 -9.33 -8.75 18.36
N THR B 5 -10.17 -7.73 18.42
CA THR B 5 -11.59 -7.94 18.72
C THR B 5 -12.26 -8.94 17.76
N MET B 6 -11.81 -8.94 16.51
CA MET B 6 -12.52 -9.66 15.43
C MET B 6 -12.25 -11.17 15.34
N GLY B 7 -11.62 -11.74 16.36
CA GLY B 7 -11.28 -13.16 16.33
C GLY B 7 -10.83 -13.64 14.95
N LEU B 8 -9.73 -13.09 14.45
CA LEU B 8 -9.10 -13.60 13.25
C LEU B 8 -8.12 -14.67 13.70
N ARG B 9 -7.48 -15.33 12.75
CA ARG B 9 -6.48 -16.33 13.12
C ARG B 9 -5.17 -15.60 13.43
N GLU B 10 -4.40 -16.10 14.41
CA GLU B 10 -3.17 -15.42 14.83
C GLU B 10 -2.15 -15.45 13.71
N ASP B 11 -2.15 -16.55 12.95
CA ASP B 11 -1.29 -16.74 11.79
C ASP B 11 -1.45 -15.62 10.75
N LEU B 12 -2.66 -15.08 10.65
CA LEU B 12 -2.99 -13.93 9.79
C LEU B 12 -2.72 -12.64 10.55
N LEU B 13 -3.27 -12.57 11.76
CA LEU B 13 -3.20 -11.40 12.61
C LEU B 13 -1.78 -10.85 12.73
N ARG B 14 -0.78 -11.72 12.75
CA ARG B 14 0.59 -11.25 12.70
C ARG B 14 0.80 -10.58 11.36
N GLY B 15 0.53 -11.30 10.28
CA GLY B 15 0.64 -10.74 8.95
C GLY B 15 0.05 -9.35 8.85
N ILE B 16 -1.10 -9.14 9.47
CA ILE B 16 -1.77 -7.82 9.43
C ILE B 16 -0.87 -6.76 10.04
N TYR B 17 -0.41 -7.02 11.26
CA TYR B 17 0.45 -6.09 11.95
C TYR B 17 1.83 -6.04 11.30
N ALA B 18 2.32 -7.18 10.82
CA ALA B 18 3.61 -7.23 10.15
C ALA B 18 3.58 -6.44 8.84
N TYR B 19 2.45 -6.48 8.16
CA TYR B 19 2.23 -5.71 6.95
C TYR B 19 2.14 -4.21 7.22
N GLY B 20 1.89 -3.86 8.48
CA GLY B 20 1.88 -2.47 8.91
C GLY B 20 0.50 -1.87 9.02
N PHE B 21 -0.49 -2.71 8.87
CA PHE B 21 -1.88 -2.25 8.72
C PHE B 21 -2.37 -1.73 10.07
N GLU B 22 -2.54 -0.40 10.14
CA GLU B 22 -3.15 0.29 11.29
C GLU B 22 -4.50 -0.31 11.62
N LYS B 23 -4.80 -0.50 12.90
CA LYS B 23 -6.18 -0.78 13.27
C LYS B 23 -7.11 -0.24 12.15
N PRO B 24 -8.15 -1.00 11.74
CA PRO B 24 -8.95 -0.63 10.58
C PRO B 24 -10.08 0.33 10.91
N SER B 25 -10.55 1.05 9.91
CA SER B 25 -11.68 1.98 10.09
C SER B 25 -12.98 1.27 10.47
N ALA B 26 -13.85 1.99 11.16
CA ALA B 26 -15.19 1.51 11.50
C ALA B 26 -15.81 0.78 10.31
N ILE B 27 -15.71 1.38 9.15
CA ILE B 27 -16.29 0.86 7.91
C ILE B 27 -15.66 -0.43 7.49
N GLN B 28 -14.34 -0.40 7.38
CA GLN B 28 -13.60 -1.57 6.94
C GLN B 28 -13.97 -2.74 7.82
N GLN B 29 -13.86 -2.54 9.12
CA GLN B 29 -14.16 -3.58 10.08
C GLN B 29 -15.54 -4.15 9.83
N ARG B 30 -16.48 -3.30 9.40
CA ARG B 30 -17.82 -3.80 9.14
C ARG B 30 -17.80 -4.78 7.98
N ALA B 31 -17.10 -4.37 6.92
CA ALA B 31 -16.97 -5.20 5.75
C ALA B 31 -16.37 -6.54 6.14
N ILE B 32 -15.22 -6.48 6.77
CA ILE B 32 -14.52 -7.69 7.13
C ILE B 32 -15.41 -8.60 7.94
N LYS B 33 -16.05 -8.05 8.96
CA LYS B 33 -16.89 -8.86 9.83
C LYS B 33 -18.05 -9.49 9.06
N GLN B 34 -18.41 -8.89 7.94
CA GLN B 34 -19.52 -9.37 7.13
C GLN B 34 -19.10 -10.26 5.98
N ILE B 35 -17.90 -10.03 5.44
CA ILE B 35 -17.32 -10.97 4.49
C ILE B 35 -17.09 -12.33 5.15
N ILE B 36 -16.49 -12.29 6.35
CA ILE B 36 -16.26 -13.47 7.17
C ILE B 36 -17.57 -14.13 7.63
N LYS B 37 -18.52 -13.33 8.09
CA LYS B 37 -19.84 -13.85 8.39
C LYS B 37 -20.46 -14.58 7.19
N GLY B 38 -19.86 -14.42 6.01
CA GLY B 38 -20.22 -15.20 4.85
C GLY B 38 -21.35 -14.57 4.07
N ARG B 39 -21.36 -13.26 3.95
CA ARG B 39 -22.41 -12.58 3.23
C ARG B 39 -21.85 -12.03 1.95
N ASP B 40 -22.68 -11.92 0.93
CA ASP B 40 -22.33 -11.18 -0.28
C ASP B 40 -22.28 -9.68 0.07
N VAL B 41 -21.15 -9.05 -0.16
CA VAL B 41 -20.94 -7.67 0.25
C VAL B 41 -20.77 -6.82 -0.98
N ILE B 42 -21.41 -5.66 -0.98
CA ILE B 42 -21.10 -4.61 -1.93
C ILE B 42 -20.45 -3.56 -1.09
N ALA B 43 -19.24 -3.17 -1.44
CA ALA B 43 -18.54 -2.22 -0.61
C ALA B 43 -18.02 -1.07 -1.44
N GLN B 44 -18.70 0.05 -1.29
CA GLN B 44 -18.17 1.29 -1.81
C GLN B 44 -16.87 1.58 -1.10
N SER B 45 -15.99 2.27 -1.79
CA SER B 45 -14.60 2.30 -1.42
C SER B 45 -14.07 3.73 -1.42
N GLN B 46 -12.82 3.89 -0.99
CA GLN B 46 -12.18 5.19 -0.94
C GLN B 46 -10.66 5.05 -0.82
N SER B 47 -9.95 6.04 -1.35
CA SER B 47 -8.50 6.15 -1.17
C SER B 47 -8.21 6.26 0.32
N GLY B 48 -7.45 5.27 0.81
CA GLY B 48 -7.16 5.12 2.22
C GLY B 48 -6.46 3.78 2.42
N THR B 49 -5.52 3.74 3.36
CA THR B 49 -4.75 2.53 3.71
C THR B 49 -5.29 1.20 3.16
N GLY B 50 -6.29 0.62 3.83
CA GLY B 50 -6.66 -0.76 3.60
C GLY B 50 -7.42 -1.05 2.32
N LYS B 51 -7.39 -0.09 1.39
CA LYS B 51 -8.22 -0.14 0.20
C LYS B 51 -8.46 -1.58 -0.25
N THR B 52 -7.37 -2.31 -0.47
CA THR B 52 -7.45 -3.68 -0.98
C THR B 52 -7.23 -4.68 0.15
N ALA B 53 -6.27 -4.36 1.00
CA ALA B 53 -5.96 -5.21 2.16
C ALA B 53 -7.23 -5.57 2.91
N THR B 54 -8.14 -4.61 3.05
CA THR B 54 -9.37 -4.84 3.78
C THR B 54 -10.15 -6.08 3.28
N PHE B 55 -10.14 -6.36 1.99
CA PHE B 55 -10.83 -7.56 1.51
C PHE B 55 -9.86 -8.74 1.46
N SER B 56 -8.59 -8.46 1.23
CA SER B 56 -7.55 -9.50 1.27
C SER B 56 -7.49 -10.20 2.65
N VAL B 57 -7.56 -9.40 3.71
CA VAL B 57 -7.63 -9.94 5.05
C VAL B 57 -8.80 -10.92 5.07
N SER B 58 -9.94 -10.49 4.56
CA SER B 58 -11.16 -11.26 4.63
C SER B 58 -11.07 -12.59 3.91
N VAL B 59 -10.50 -12.59 2.72
CA VAL B 59 -10.37 -13.81 1.96
C VAL B 59 -9.38 -14.75 2.64
N LEU B 60 -8.37 -14.18 3.29
CA LEU B 60 -7.38 -14.99 3.98
C LEU B 60 -7.92 -15.69 5.22
N GLN B 61 -8.69 -14.97 6.04
CA GLN B 61 -9.32 -15.58 7.19
C GLN B 61 -10.09 -16.81 6.75
N CYS B 62 -10.95 -16.62 5.76
CA CYS B 62 -11.92 -17.66 5.39
C CYS B 62 -11.26 -18.88 4.71
N LEU B 63 -10.01 -18.71 4.27
CA LEU B 63 -9.24 -19.79 3.65
C LEU B 63 -9.02 -20.99 4.55
N ASP B 64 -8.82 -22.15 3.91
CA ASP B 64 -8.49 -23.40 4.58
C ASP B 64 -7.26 -24.04 3.92
N ILE B 65 -6.08 -23.89 4.55
CA ILE B 65 -4.79 -24.22 3.90
C ILE B 65 -4.64 -25.73 3.59
N GLN B 66 -5.25 -26.59 4.39
CA GLN B 66 -5.20 -28.04 4.13
C GLN B 66 -5.78 -28.35 2.75
N VAL B 67 -6.95 -27.78 2.47
CA VAL B 67 -7.53 -27.83 1.14
C VAL B 67 -6.62 -27.05 0.20
N ARG B 68 -5.78 -27.78 -0.53
CA ARG B 68 -4.77 -27.18 -1.40
C ARG B 68 -5.30 -26.98 -2.84
N GLU B 69 -6.53 -26.49 -2.97
CA GLU B 69 -7.07 -26.05 -4.26
C GLU B 69 -7.50 -24.58 -4.17
N THR B 70 -8.02 -24.02 -5.26
CA THR B 70 -8.39 -22.62 -5.27
C THR B 70 -9.71 -22.41 -4.57
N GLN B 71 -9.67 -21.64 -3.50
CA GLN B 71 -10.84 -21.41 -2.66
C GLN B 71 -11.38 -20.01 -2.79
N ALA B 72 -10.53 -19.09 -3.23
CA ALA B 72 -10.98 -17.74 -3.49
C ALA B 72 -10.49 -17.30 -4.84
N LEU B 73 -11.32 -16.55 -5.53
CA LEU B 73 -11.01 -16.08 -6.84
C LEU B 73 -11.28 -14.62 -6.80
N ILE B 74 -10.29 -13.83 -7.17
CA ILE B 74 -10.42 -12.40 -7.07
C ILE B 74 -10.07 -11.79 -8.41
N LEU B 75 -11.04 -11.09 -9.00
CA LEU B 75 -10.89 -10.51 -10.31
C LEU B 75 -10.69 -9.01 -10.19
N ALA B 76 -9.80 -8.48 -11.01
CA ALA B 76 -9.47 -7.05 -11.03
C ALA B 76 -9.40 -6.52 -12.49
N PRO B 77 -9.46 -5.19 -12.67
CA PRO B 77 -9.47 -4.64 -14.04
C PRO B 77 -8.14 -4.68 -14.78
N THR B 78 -7.03 -4.50 -14.07
CA THR B 78 -5.69 -4.44 -14.69
C THR B 78 -4.81 -5.61 -14.27
N ARG B 79 -3.74 -5.85 -15.04
CA ARG B 79 -2.71 -6.76 -14.61
C ARG B 79 -2.00 -6.12 -13.40
N GLU B 80 -1.43 -4.93 -13.60
CA GLU B 80 -0.70 -4.23 -12.53
C GLU B 80 -1.48 -4.34 -11.24
N LEU B 81 -2.79 -4.20 -11.36
CA LEU B 81 -3.67 -4.22 -10.20
C LEU B 81 -3.83 -5.59 -9.56
N ALA B 82 -3.96 -6.63 -10.37
CA ALA B 82 -4.04 -8.00 -9.87
C ALA B 82 -2.72 -8.47 -9.22
N VAL B 83 -1.58 -8.00 -9.74
CA VAL B 83 -0.30 -8.39 -9.19
C VAL B 83 -0.15 -7.78 -7.82
N GLN B 84 -0.50 -6.51 -7.70
CA GLN B 84 -0.43 -5.83 -6.42
C GLN B 84 -1.28 -6.62 -5.43
N VAL B 85 -2.52 -6.97 -5.81
CA VAL B 85 -3.39 -7.82 -4.98
C VAL B 85 -2.68 -9.13 -4.61
N GLN B 86 -2.08 -9.76 -5.60
CA GLN B 86 -1.30 -10.96 -5.36
C GLN B 86 -0.32 -10.65 -4.24
N LYS B 87 0.63 -9.77 -4.52
CA LYS B 87 1.68 -9.44 -3.53
C LYS B 87 1.08 -9.11 -2.16
N GLY B 88 -0.02 -8.36 -2.15
CA GLY B 88 -0.67 -7.98 -0.89
C GLY B 88 -1.08 -9.22 -0.14
N LEU B 89 -1.80 -10.07 -0.86
CA LEU B 89 -2.25 -11.36 -0.33
C LEU B 89 -1.11 -12.16 0.25
N LEU B 90 0.01 -12.17 -0.46
CA LEU B 90 1.18 -12.89 -0.03
C LEU B 90 1.63 -12.28 1.26
N ALA B 91 1.88 -10.98 1.23
CA ALA B 91 2.45 -10.26 2.37
C ALA B 91 1.67 -10.60 3.66
N LEU B 92 0.37 -10.33 3.64
CA LEU B 92 -0.50 -10.64 4.75
C LEU B 92 -0.42 -12.14 5.06
N GLY B 93 -0.44 -12.96 4.00
CA GLY B 93 -0.42 -14.41 4.17
C GLY B 93 0.94 -15.05 4.43
N ASP B 94 2.00 -14.25 4.56
CA ASP B 94 3.34 -14.82 4.68
C ASP B 94 3.57 -15.58 6.00
N TYR B 95 2.60 -15.52 6.91
CA TYR B 95 2.63 -16.30 8.15
C TYR B 95 1.48 -17.32 8.20
N MET B 96 0.94 -17.64 7.03
CA MET B 96 -0.16 -18.60 6.93
C MET B 96 0.19 -19.80 6.04
N ASN B 97 1.41 -19.81 5.49
CA ASN B 97 1.78 -20.73 4.42
C ASN B 97 0.72 -20.67 3.33
N VAL B 98 0.44 -19.44 2.87
CA VAL B 98 -0.57 -19.18 1.83
C VAL B 98 0.12 -19.28 0.47
N GLN B 99 -0.66 -19.25 -0.60
CA GLN B 99 -0.12 -19.20 -1.97
C GLN B 99 -1.21 -18.62 -2.90
N SER B 100 -1.16 -17.31 -3.14
CA SER B 100 -1.93 -16.73 -4.24
C SER B 100 -1.11 -16.85 -5.54
N HIS B 101 -1.77 -16.60 -6.66
CA HIS B 101 -1.08 -16.44 -7.94
C HIS B 101 -1.81 -15.41 -8.82
N ALA B 102 -1.02 -14.68 -9.60
CA ALA B 102 -1.52 -13.70 -10.56
C ALA B 102 -1.49 -14.27 -12.00
N CYS B 103 -2.65 -14.74 -12.46
CA CYS B 103 -2.81 -15.33 -13.80
C CYS B 103 -3.00 -14.24 -14.86
N ILE B 104 -1.89 -13.70 -15.38
CA ILE B 104 -1.93 -12.66 -16.42
C ILE B 104 -2.07 -13.28 -17.82
N GLY B 110 4.97 -20.37 -20.69
CA GLY B 110 3.80 -19.66 -20.21
C GLY B 110 3.53 -20.04 -18.76
N GLU B 111 4.01 -19.20 -17.84
CA GLU B 111 4.07 -19.53 -16.42
C GLU B 111 2.87 -19.03 -15.60
N ASP B 112 1.67 -19.26 -16.14
CA ASP B 112 0.42 -19.13 -15.36
C ASP B 112 -0.24 -20.51 -15.22
N ILE B 113 -0.29 -21.23 -16.34
CA ILE B 113 -0.75 -22.61 -16.42
C ILE B 113 0.04 -23.56 -15.51
N ARG B 114 1.35 -23.33 -15.38
CA ARG B 114 2.19 -24.10 -14.45
C ARG B 114 1.88 -23.72 -13.01
N LYS B 115 1.86 -22.41 -12.73
CA LYS B 115 1.61 -21.91 -11.38
C LYS B 115 0.23 -22.29 -10.85
N LEU B 116 -0.78 -22.22 -11.72
CA LEU B 116 -2.17 -22.59 -11.37
C LEU B 116 -2.40 -24.10 -11.37
N ASP B 117 -1.56 -24.87 -12.09
CA ASP B 117 -1.57 -26.35 -12.06
C ASP B 117 -0.80 -26.94 -10.86
N TYR B 118 -0.08 -26.08 -10.12
CA TYR B 118 0.71 -26.47 -8.94
C TYR B 118 0.11 -26.03 -7.59
N GLY B 119 -1.16 -25.63 -7.55
CA GLY B 119 -1.86 -25.33 -6.28
C GLY B 119 -1.80 -23.87 -5.83
N GLN B 120 -2.93 -23.18 -5.91
CA GLN B 120 -2.99 -21.79 -5.46
C GLN B 120 -4.29 -21.59 -4.69
N HIS B 121 -4.17 -21.14 -3.44
CA HIS B 121 -5.33 -20.96 -2.57
C HIS B 121 -6.20 -19.83 -3.09
N VAL B 122 -5.56 -18.71 -3.40
CA VAL B 122 -6.25 -17.57 -3.97
C VAL B 122 -5.71 -17.39 -5.36
N VAL B 123 -6.47 -16.72 -6.23
CA VAL B 123 -6.05 -16.45 -7.60
C VAL B 123 -6.56 -15.10 -8.03
N ALA B 124 -5.68 -14.28 -8.59
CA ALA B 124 -6.08 -12.97 -9.09
C ALA B 124 -5.76 -12.82 -10.55
N GLY B 125 -6.48 -11.93 -11.22
CA GLY B 125 -6.27 -11.70 -12.63
C GLY B 125 -7.46 -10.99 -13.24
N THR B 126 -7.30 -10.60 -14.50
CA THR B 126 -8.36 -9.90 -15.20
C THR B 126 -9.37 -10.91 -15.64
N PRO B 127 -10.67 -10.56 -15.59
CA PRO B 127 -11.75 -11.51 -15.85
C PRO B 127 -11.50 -12.40 -17.08
N GLY B 128 -10.82 -11.86 -18.09
CA GLY B 128 -10.40 -12.64 -19.24
C GLY B 128 -9.34 -13.68 -18.89
N ARG B 129 -8.12 -13.25 -18.58
CA ARG B 129 -7.04 -14.23 -18.38
C ARG B 129 -7.27 -15.14 -17.14
N VAL B 130 -8.37 -14.95 -16.42
CA VAL B 130 -8.94 -15.99 -15.55
C VAL B 130 -9.84 -16.91 -16.38
N PHE B 131 -10.75 -16.33 -17.15
CA PHE B 131 -11.58 -17.12 -18.06
C PHE B 131 -10.74 -17.86 -19.10
N ASP B 132 -9.53 -17.36 -19.39
CA ASP B 132 -8.57 -18.12 -20.18
C ASP B 132 -8.22 -19.41 -19.46
N MET B 133 -7.65 -19.31 -18.27
CA MET B 133 -7.24 -20.51 -17.54
C MET B 133 -8.38 -21.33 -16.93
N ILE B 134 -9.63 -20.96 -17.22
CA ILE B 134 -10.78 -21.84 -17.02
C ILE B 134 -11.00 -22.60 -18.32
N ARG B 135 -11.07 -21.87 -19.45
CA ARG B 135 -11.21 -22.42 -20.81
C ARG B 135 -10.06 -23.34 -21.23
N ARG B 136 -8.85 -23.01 -20.78
CA ARG B 136 -7.67 -23.88 -20.88
C ARG B 136 -7.56 -24.84 -19.71
N ARG B 137 -8.58 -24.88 -18.85
CA ARG B 137 -8.66 -25.81 -17.73
C ARG B 137 -7.40 -25.83 -16.80
N SER B 138 -6.64 -24.75 -16.79
CA SER B 138 -5.47 -24.64 -15.93
C SER B 138 -5.90 -24.31 -14.50
N LEU B 139 -7.07 -23.68 -14.37
CA LEU B 139 -7.64 -23.28 -13.08
C LEU B 139 -8.86 -24.15 -12.75
N ARG B 140 -8.70 -25.01 -11.75
CA ARG B 140 -9.81 -25.84 -11.27
C ARG B 140 -10.70 -24.99 -10.38
N THR B 141 -12.00 -25.09 -10.64
CA THR B 141 -12.99 -24.23 -10.06
C THR B 141 -13.66 -24.83 -8.84
N ARG B 142 -13.51 -26.14 -8.67
CA ARG B 142 -14.44 -26.96 -7.87
C ARG B 142 -14.69 -26.50 -6.43
N ALA B 143 -13.68 -25.97 -5.73
CA ALA B 143 -13.83 -25.66 -4.31
C ALA B 143 -13.64 -24.18 -4.00
N ILE B 144 -14.22 -23.32 -4.82
CA ILE B 144 -14.15 -21.89 -4.60
C ILE B 144 -15.26 -21.45 -3.67
N LYS B 145 -14.88 -20.99 -2.49
CA LYS B 145 -15.85 -20.46 -1.56
C LYS B 145 -16.21 -19.03 -1.94
N MET B 146 -15.26 -18.20 -2.38
CA MET B 146 -15.59 -16.78 -2.70
C MET B 146 -14.96 -16.08 -3.94
N LEU B 147 -15.79 -15.31 -4.63
CA LEU B 147 -15.40 -14.55 -5.80
C LEU B 147 -15.38 -13.08 -5.43
N VAL B 148 -14.27 -12.40 -5.67
CA VAL B 148 -14.19 -10.99 -5.31
C VAL B 148 -14.05 -10.16 -6.58
N LEU B 149 -14.87 -9.13 -6.69
CA LEU B 149 -14.83 -8.26 -7.84
C LEU B 149 -14.31 -6.88 -7.43
N ASP B 150 -12.99 -6.72 -7.45
CA ASP B 150 -12.37 -5.45 -7.12
C ASP B 150 -12.54 -4.47 -8.26
N GLU B 151 -12.66 -3.19 -7.91
CA GLU B 151 -12.95 -2.11 -8.85
C GLU B 151 -14.00 -2.50 -9.90
N ALA B 152 -15.13 -3.00 -9.43
CA ALA B 152 -16.24 -3.32 -10.32
C ALA B 152 -16.58 -2.12 -11.24
N ASP B 153 -16.58 -0.91 -10.68
CA ASP B 153 -16.87 0.29 -11.45
C ASP B 153 -16.06 0.21 -12.71
N GLU B 154 -14.79 -0.12 -12.57
CA GLU B 154 -13.85 -0.07 -13.68
C GLU B 154 -13.93 -1.30 -14.60
N MET B 155 -14.65 -2.32 -14.18
CA MET B 155 -14.72 -3.58 -14.91
C MET B 155 -15.98 -3.66 -15.78
N LEU B 156 -17.12 -3.19 -15.27
CA LEU B 156 -18.24 -2.92 -16.15
C LEU B 156 -17.93 -1.64 -16.99
N ASN B 157 -16.64 -1.26 -17.04
CA ASN B 157 -16.17 -0.12 -17.84
C ASN B 157 -14.84 -0.38 -18.57
N LYS B 158 -14.25 -1.54 -18.33
CA LYS B 158 -13.30 -2.13 -19.27
C LYS B 158 -14.03 -3.27 -19.99
N GLY B 159 -15.37 -3.23 -19.89
CA GLY B 159 -16.27 -4.04 -20.74
C GLY B 159 -16.20 -5.53 -20.50
N PHE B 160 -15.92 -5.91 -19.26
CA PHE B 160 -15.85 -7.31 -18.89
C PHE B 160 -17.25 -7.85 -18.56
N LYS B 161 -18.30 -7.03 -18.70
CA LYS B 161 -19.64 -7.43 -18.27
C LYS B 161 -19.96 -8.88 -18.67
N GLU B 162 -19.84 -9.20 -19.96
CA GLU B 162 -20.17 -10.53 -20.48
C GLU B 162 -19.10 -11.54 -20.07
N GLN B 163 -17.90 -11.03 -19.88
CA GLN B 163 -16.75 -11.83 -19.49
C GLN B 163 -16.92 -12.37 -18.07
N ILE B 164 -17.31 -11.48 -17.14
CA ILE B 164 -17.44 -11.83 -15.73
C ILE B 164 -18.47 -12.93 -15.57
N TYR B 165 -19.71 -12.71 -16.01
CA TYR B 165 -20.76 -13.75 -15.90
C TYR B 165 -20.31 -15.11 -16.46
N ASP B 166 -19.54 -15.10 -17.54
CA ASP B 166 -18.98 -16.35 -18.07
C ASP B 166 -18.15 -17.07 -17.02
N VAL B 167 -17.33 -16.33 -16.30
CA VAL B 167 -16.57 -16.93 -15.22
C VAL B 167 -17.54 -17.47 -14.20
N TYR B 168 -18.39 -16.59 -13.69
CA TYR B 168 -19.37 -16.94 -12.66
C TYR B 168 -19.97 -18.32 -12.85
N ARG B 169 -20.40 -18.62 -14.07
CA ARG B 169 -21.02 -19.90 -14.37
C ARG B 169 -20.16 -21.10 -13.93
N TYR B 170 -18.86 -21.02 -14.14
CA TYR B 170 -17.96 -22.12 -13.81
C TYR B 170 -17.50 -22.06 -12.38
N LEU B 171 -18.42 -21.99 -11.41
CA LEU B 171 -18.04 -21.89 -10.01
C LEU B 171 -19.05 -22.61 -9.13
N PRO B 172 -18.60 -23.16 -7.99
CA PRO B 172 -19.52 -23.94 -7.17
C PRO B 172 -20.65 -23.07 -6.63
N PRO B 173 -21.82 -23.67 -6.37
CA PRO B 173 -22.95 -22.90 -5.90
C PRO B 173 -22.77 -22.50 -4.44
N ALA B 174 -23.72 -21.72 -3.96
CA ALA B 174 -23.43 -20.36 -3.61
C ALA B 174 -21.98 -20.07 -3.17
N THR B 175 -21.11 -19.91 -4.15
CA THR B 175 -19.84 -19.25 -3.93
C THR B 175 -20.18 -17.87 -3.38
N GLN B 176 -19.34 -17.37 -2.48
CA GLN B 176 -19.53 -16.04 -1.86
C GLN B 176 -19.08 -14.95 -2.83
N VAL B 177 -19.77 -13.81 -2.80
CA VAL B 177 -19.39 -12.72 -3.68
C VAL B 177 -19.15 -11.42 -2.91
N VAL B 178 -17.99 -10.80 -3.15
CA VAL B 178 -17.70 -9.46 -2.69
C VAL B 178 -17.50 -8.57 -3.89
N LEU B 179 -18.24 -7.48 -3.95
CA LEU B 179 -18.15 -6.54 -5.03
C LEU B 179 -17.59 -5.24 -4.46
N ILE B 180 -16.33 -4.95 -4.76
CA ILE B 180 -15.74 -3.71 -4.32
C ILE B 180 -15.76 -2.75 -5.49
N SER B 181 -16.34 -1.58 -5.26
CA SER B 181 -16.33 -0.52 -6.26
C SER B 181 -16.51 0.84 -5.62
N ALA B 182 -15.76 1.82 -6.12
CA ALA B 182 -15.89 3.23 -5.71
C ALA B 182 -17.28 3.79 -5.99
N THR B 183 -17.76 3.60 -7.21
CA THR B 183 -19.11 3.99 -7.59
C THR B 183 -19.97 2.76 -7.67
N LEU B 184 -21.25 2.91 -7.33
CA LEU B 184 -22.21 1.82 -7.40
C LEU B 184 -23.46 2.40 -8.03
N PRO B 185 -23.45 2.56 -9.36
CA PRO B 185 -24.65 3.03 -10.03
C PRO B 185 -25.78 1.99 -10.05
N HIS B 186 -27.03 2.48 -10.15
CA HIS B 186 -28.23 1.64 -10.36
C HIS B 186 -28.02 0.47 -11.37
N GLU B 187 -27.33 0.75 -12.47
CA GLU B 187 -27.02 -0.26 -13.50
C GLU B 187 -26.25 -1.49 -12.98
N VAL B 188 -25.04 -1.28 -12.44
CA VAL B 188 -24.24 -2.40 -11.88
C VAL B 188 -24.87 -2.99 -10.63
N LEU B 189 -25.95 -2.40 -10.14
CA LEU B 189 -26.57 -2.85 -8.89
C LEU B 189 -27.37 -4.12 -9.14
N GLU B 190 -28.46 -3.98 -9.89
CA GLU B 190 -29.32 -5.14 -10.24
C GLU B 190 -28.40 -6.33 -10.57
N MET B 191 -27.38 -6.04 -11.38
CA MET B 191 -26.21 -6.89 -11.50
C MET B 191 -25.94 -7.78 -10.26
N THR B 192 -25.77 -7.14 -9.11
CA THR B 192 -25.55 -7.85 -7.86
C THR B 192 -26.77 -8.67 -7.50
N ASN B 193 -27.94 -8.10 -7.82
CA ASN B 193 -29.22 -8.80 -7.64
C ASN B 193 -29.26 -10.14 -8.36
N LYS B 194 -28.30 -10.35 -9.28
CA LYS B 194 -28.17 -11.61 -10.01
C LYS B 194 -27.10 -12.61 -9.48
N PHE B 195 -26.07 -12.15 -8.75
CA PHE B 195 -25.09 -13.11 -8.18
C PHE B 195 -24.87 -13.07 -6.67
N MET B 196 -25.44 -12.07 -6.01
CA MET B 196 -25.34 -11.96 -4.56
C MET B 196 -26.64 -12.45 -3.95
N THR B 197 -26.64 -12.60 -2.63
CA THR B 197 -27.86 -12.95 -1.88
C THR B 197 -27.85 -12.25 -0.53
N ASP B 198 -28.98 -11.65 -0.17
CA ASP B 198 -29.10 -10.94 1.09
C ASP B 198 -27.79 -10.22 1.42
N PRO B 199 -27.35 -9.37 0.49
CA PRO B 199 -26.01 -8.88 0.67
C PRO B 199 -25.95 -7.72 1.65
N ILE B 200 -24.81 -7.57 2.31
CA ILE B 200 -24.53 -6.38 3.08
C ILE B 200 -24.15 -5.34 2.05
N ARG B 201 -24.61 -4.10 2.22
CA ARG B 201 -24.16 -2.99 1.38
C ARG B 201 -23.53 -1.89 2.25
N ILE B 202 -22.20 -1.79 2.21
CA ILE B 202 -21.48 -0.75 2.95
C ILE B 202 -21.17 0.37 2.00
N LEU B 203 -21.92 1.46 2.08
CA LEU B 203 -21.73 2.58 1.18
C LEU B 203 -21.17 3.76 1.94
N VAL B 204 -20.47 4.63 1.22
CA VAL B 204 -19.88 5.83 1.82
C VAL B 204 -20.97 6.79 2.24
N LYS B 205 -21.84 7.14 1.28
CA LYS B 205 -22.92 8.09 1.51
C LYS B 205 -24.08 7.35 2.11
N ARG B 206 -24.75 7.99 3.06
CA ARG B 206 -25.90 7.42 3.76
C ARG B 206 -27.08 7.14 2.82
N ASP B 207 -27.91 6.16 3.16
CA ASP B 207 -29.15 5.86 2.42
C ASP B 207 -30.22 5.45 3.41
N GLU B 208 -31.29 6.21 3.50
CA GLU B 208 -32.32 5.88 4.46
C GLU B 208 -33.31 4.87 3.86
N LEU B 209 -34.40 4.61 4.59
CA LEU B 209 -35.37 3.55 4.28
C LEU B 209 -36.69 4.13 3.79
N THR B 210 -36.90 4.22 2.49
CA THR B 210 -38.21 4.62 1.96
C THR B 210 -39.24 3.49 2.15
N LEU B 211 -40.52 3.80 1.99
CA LEU B 211 -41.53 2.78 1.92
C LEU B 211 -42.15 2.89 0.54
N GLU B 212 -41.40 3.49 -0.39
CA GLU B 212 -41.95 3.91 -1.68
C GLU B 212 -42.03 2.81 -2.73
N GLY B 213 -41.23 1.75 -2.57
CA GLY B 213 -41.30 0.61 -3.49
C GLY B 213 -42.24 -0.48 -3.03
N ILE B 214 -42.77 -0.34 -1.83
CA ILE B 214 -43.43 -1.43 -1.13
C ILE B 214 -44.95 -1.31 -1.19
N LYS B 215 -45.61 -2.39 -1.63
CA LYS B 215 -47.05 -2.48 -1.65
C LYS B 215 -47.47 -3.02 -0.29
N GLN B 216 -48.32 -2.26 0.39
CA GLN B 216 -48.75 -2.59 1.76
C GLN B 216 -50.20 -3.00 1.78
N PHE B 217 -50.48 -4.05 2.54
CA PHE B 217 -51.83 -4.58 2.60
C PHE B 217 -52.13 -4.92 4.04
N PHE B 218 -53.42 -5.02 4.34
CA PHE B 218 -53.83 -5.50 5.65
C PHE B 218 -54.98 -6.49 5.51
N VAL B 219 -54.95 -7.52 6.33
CA VAL B 219 -56.03 -8.48 6.43
C VAL B 219 -56.83 -8.11 7.68
N ALA B 220 -58.06 -7.66 7.45
CA ALA B 220 -58.97 -7.44 8.55
C ALA B 220 -59.21 -8.80 9.16
N VAL B 221 -58.57 -9.12 10.28
CA VAL B 221 -58.58 -10.52 10.69
C VAL B 221 -59.87 -11.09 11.29
N GLU B 222 -60.46 -10.58 12.37
CA GLU B 222 -60.01 -9.45 13.17
C GLU B 222 -60.30 -9.75 14.67
N ARG B 223 -59.85 -10.91 15.12
CA ARG B 223 -59.74 -11.25 16.53
C ARG B 223 -58.67 -12.34 16.66
N GLU B 224 -57.62 -12.09 17.44
CA GLU B 224 -56.46 -13.03 17.53
C GLU B 224 -56.83 -14.26 18.39
N GLU B 225 -57.41 -15.31 17.80
CA GLU B 225 -56.77 -16.14 16.82
C GLU B 225 -57.68 -16.49 15.65
N TRP B 226 -57.83 -15.54 14.73
CA TRP B 226 -58.15 -15.81 13.32
C TRP B 226 -56.93 -15.34 12.50
N LYS B 227 -55.88 -14.91 13.20
CA LYS B 227 -54.71 -14.37 12.56
C LYS B 227 -53.93 -15.56 12.00
N PHE B 228 -53.67 -16.52 12.87
CA PHE B 228 -53.06 -17.80 12.49
C PHE B 228 -53.74 -18.35 11.23
N ASP B 229 -55.03 -18.66 11.37
CA ASP B 229 -55.87 -19.18 10.29
C ASP B 229 -55.69 -18.42 8.96
N THR B 230 -55.59 -17.09 9.01
CA THR B 230 -55.37 -16.30 7.79
C THR B 230 -53.90 -16.43 7.32
N LEU B 231 -52.95 -16.52 8.26
CA LEU B 231 -51.53 -16.74 7.90
C LEU B 231 -51.39 -18.06 7.17
N CYS B 232 -52.23 -19.02 7.53
CA CYS B 232 -52.24 -20.31 6.85
C CYS B 232 -52.84 -20.20 5.47
N ASP B 233 -54.00 -19.56 5.36
CA ASP B 233 -54.60 -19.31 4.04
C ASP B 233 -53.51 -18.69 3.13
N LEU B 234 -52.69 -17.80 3.68
CA LEU B 234 -51.60 -17.13 2.95
C LEU B 234 -50.31 -17.97 2.78
N TYR B 235 -50.24 -19.13 3.43
CA TYR B 235 -48.98 -19.88 3.52
C TYR B 235 -48.33 -20.25 2.20
N ASP B 236 -49.05 -20.95 1.34
CA ASP B 236 -48.47 -21.36 0.06
C ASP B 236 -47.92 -20.17 -0.70
N THR B 237 -48.63 -19.03 -0.66
CA THR B 237 -48.19 -17.82 -1.37
C THR B 237 -46.95 -17.21 -0.73
N LEU B 238 -46.62 -17.65 0.48
CA LEU B 238 -45.30 -17.36 1.06
C LEU B 238 -44.28 -18.36 0.54
N THR B 239 -44.68 -19.64 0.50
CA THR B 239 -43.82 -20.72 0.00
C THR B 239 -43.16 -20.33 -1.33
N ILE B 240 -43.99 -19.89 -2.28
CA ILE B 240 -43.51 -19.39 -3.59
C ILE B 240 -42.38 -18.34 -3.47
N THR B 241 -42.65 -17.21 -2.80
CA THR B 241 -41.69 -16.09 -2.76
C THR B 241 -40.63 -16.21 -1.67
N GLN B 242 -40.99 -16.76 -0.52
CA GLN B 242 -40.19 -16.70 0.72
C GLN B 242 -40.58 -15.44 1.52
N ALA B 243 -40.69 -15.56 2.85
CA ALA B 243 -41.32 -14.51 3.62
C ALA B 243 -40.93 -14.41 5.11
N VAL B 244 -40.90 -13.20 5.62
CA VAL B 244 -40.58 -12.97 7.02
C VAL B 244 -41.82 -12.54 7.76
N ILE B 245 -42.00 -13.12 8.96
CA ILE B 245 -43.15 -12.88 9.79
C ILE B 245 -42.68 -12.33 11.15
N PHE B 246 -43.05 -11.08 11.42
CA PHE B 246 -42.62 -10.40 12.64
C PHE B 246 -43.67 -10.47 13.73
N CYS B 247 -43.17 -10.46 14.97
CA CYS B 247 -43.99 -10.37 16.16
C CYS B 247 -43.27 -9.51 17.19
N ASN B 248 -44.03 -8.69 17.91
CA ASN B 248 -43.47 -7.73 18.83
C ASN B 248 -42.79 -8.37 20.06
N THR B 249 -42.81 -9.71 20.17
CA THR B 249 -42.34 -10.43 21.39
C THR B 249 -41.85 -11.84 21.10
N LYS B 250 -40.83 -12.28 21.84
CA LYS B 250 -40.28 -13.64 21.73
C LYS B 250 -41.28 -14.74 22.11
N ARG B 251 -42.20 -14.41 23.01
CA ARG B 251 -43.28 -15.34 23.41
C ARG B 251 -44.22 -15.65 22.23
N LYS B 252 -44.58 -14.62 21.45
CA LYS B 252 -45.36 -14.82 20.23
C LYS B 252 -44.57 -15.66 19.21
N VAL B 253 -43.29 -15.31 19.01
CA VAL B 253 -42.42 -16.00 18.05
C VAL B 253 -42.44 -17.50 18.25
N ASP B 254 -42.18 -17.92 19.50
CA ASP B 254 -42.09 -19.34 19.84
C ASP B 254 -43.42 -20.05 19.65
N TRP B 255 -44.49 -19.42 20.10
CA TRP B 255 -45.80 -20.02 19.96
C TRP B 255 -46.10 -20.29 18.49
N LEU B 256 -46.13 -19.22 17.69
CA LEU B 256 -46.48 -19.28 16.27
C LEU B 256 -45.62 -20.27 15.52
N THR B 257 -44.34 -20.35 15.89
CA THR B 257 -43.45 -21.34 15.33
C THR B 257 -43.99 -22.75 15.61
N GLU B 258 -44.14 -23.12 16.89
CA GLU B 258 -44.60 -24.47 17.28
C GLU B 258 -45.95 -24.79 16.68
N LYS B 259 -46.85 -23.81 16.76
CA LYS B 259 -48.17 -23.95 16.19
C LYS B 259 -48.08 -24.24 14.70
N MET B 260 -47.22 -23.50 14.00
CA MET B 260 -47.03 -23.69 12.55
C MET B 260 -46.44 -25.06 12.19
N ARG B 261 -45.53 -25.59 13.02
CA ARG B 261 -44.99 -26.94 12.81
C ARG B 261 -46.04 -27.99 13.17
N GLU B 262 -47.19 -27.54 13.67
CA GLU B 262 -48.40 -28.35 13.80
C GLU B 262 -48.26 -29.35 14.94
N THR B 266 -43.87 -26.29 7.26
CA THR B 266 -42.44 -26.10 7.58
C THR B 266 -42.16 -24.62 7.74
N VAL B 267 -41.17 -24.30 8.59
CA VAL B 267 -40.93 -22.92 9.04
C VAL B 267 -39.44 -22.60 9.39
N SER B 268 -39.23 -21.67 10.33
CA SER B 268 -37.90 -21.27 10.92
C SER B 268 -37.99 -19.82 11.51
N GLN B 276 -25.00 -12.79 21.83
CA GLN B 276 -25.52 -13.75 20.87
C GLN B 276 -24.53 -14.88 20.52
N LYS B 277 -24.88 -15.64 19.49
CA LYS B 277 -24.20 -16.89 19.08
C LYS B 277 -25.18 -17.72 18.28
N GLU B 278 -26.46 -17.63 18.65
CA GLU B 278 -27.51 -18.46 18.07
C GLU B 278 -27.83 -18.08 16.63
N ARG B 279 -28.33 -16.85 16.46
CA ARG B 279 -28.93 -16.39 15.19
C ARG B 279 -28.16 -16.76 13.91
N GLU B 280 -26.85 -16.52 13.94
CA GLU B 280 -25.99 -16.58 12.74
C GLU B 280 -26.16 -17.84 11.89
N SER B 281 -26.24 -18.98 12.57
CA SER B 281 -26.42 -20.28 11.93
C SER B 281 -27.74 -20.37 11.14
N ILE B 282 -28.82 -19.95 11.77
CA ILE B 282 -30.14 -20.02 11.14
C ILE B 282 -30.17 -19.28 9.81
N MET B 283 -29.83 -17.99 9.86
CA MET B 283 -29.93 -17.12 8.68
C MET B 283 -29.11 -17.58 7.45
N LYS B 284 -27.96 -18.21 7.66
CA LYS B 284 -27.24 -18.84 6.56
C LYS B 284 -28.24 -19.66 5.77
N GLU B 285 -28.91 -20.58 6.46
CA GLU B 285 -29.90 -21.44 5.84
C GLU B 285 -31.01 -20.65 5.15
N PHE B 286 -31.71 -19.81 5.90
CA PHE B 286 -32.81 -18.99 5.33
C PHE B 286 -32.41 -18.21 4.09
N ARG B 287 -31.19 -17.65 4.12
CA ARG B 287 -30.65 -16.94 2.98
C ARG B 287 -30.22 -17.94 1.92
N SER B 288 -29.82 -19.14 2.35
CA SER B 288 -29.51 -20.22 1.42
C SER B 288 -30.69 -20.52 0.50
N GLY B 289 -31.91 -20.23 0.94
CA GLY B 289 -33.14 -20.61 0.22
C GLY B 289 -33.80 -21.81 0.88
N ALA B 290 -33.01 -22.65 1.54
CA ALA B 290 -33.51 -23.85 2.23
C ALA B 290 -34.54 -23.56 3.33
N SER B 291 -34.86 -22.29 3.54
CA SER B 291 -36.05 -21.91 4.28
C SER B 291 -36.85 -20.90 3.48
N ARG B 292 -38.13 -21.24 3.30
CA ARG B 292 -39.06 -20.37 2.60
C ARG B 292 -39.72 -19.36 3.57
N VAL B 293 -39.60 -19.56 4.89
CA VAL B 293 -40.35 -18.75 5.87
C VAL B 293 -39.64 -18.58 7.24
N LEU B 294 -38.94 -17.45 7.43
CA LEU B 294 -38.35 -17.10 8.72
C LEU B 294 -39.39 -16.35 9.52
N ILE B 295 -39.75 -16.84 10.71
CA ILE B 295 -40.59 -16.08 11.66
C ILE B 295 -39.69 -15.54 12.77
N SER B 296 -39.10 -14.38 12.47
CA SER B 296 -38.11 -13.72 13.32
C SER B 296 -38.76 -12.87 14.43
N THR B 297 -38.02 -11.86 14.91
CA THR B 297 -38.54 -10.86 15.87
C THR B 297 -37.97 -9.46 15.58
N VAL B 306 -33.59 -5.32 8.06
CA VAL B 306 -34.26 -6.58 7.75
C VAL B 306 -33.36 -7.42 6.86
N PRO B 307 -33.79 -8.64 6.54
CA PRO B 307 -33.26 -9.30 5.35
C PRO B 307 -33.94 -8.69 4.14
N GLN B 308 -33.25 -8.69 3.00
CA GLN B 308 -33.84 -8.31 1.72
C GLN B 308 -34.74 -9.47 1.28
N VAL B 309 -36.03 -9.19 1.14
CA VAL B 309 -37.04 -10.24 1.00
C VAL B 309 -38.29 -9.68 0.31
N SER B 310 -38.81 -10.43 -0.66
CA SER B 310 -39.92 -9.97 -1.49
C SER B 310 -41.25 -9.75 -0.75
N LEU B 311 -41.47 -10.49 0.35
CA LEU B 311 -42.74 -10.45 1.11
C LEU B 311 -42.50 -10.47 2.62
N ILE B 312 -42.98 -9.43 3.29
CA ILE B 312 -42.82 -9.27 4.74
C ILE B 312 -44.18 -9.23 5.35
N ILE B 313 -44.34 -9.90 6.48
CA ILE B 313 -45.62 -9.94 7.18
C ILE B 313 -45.45 -9.44 8.60
N ASN B 314 -46.36 -8.56 9.03
CA ASN B 314 -46.42 -8.14 10.42
C ASN B 314 -47.52 -8.95 11.04
N TYR B 315 -47.14 -10.00 11.76
CA TYR B 315 -48.11 -10.83 12.46
C TYR B 315 -48.67 -9.99 13.61
N ASP B 316 -47.80 -9.18 14.19
CA ASP B 316 -48.17 -8.18 15.18
C ASP B 316 -47.84 -6.80 14.60
N LEU B 317 -48.48 -5.76 15.11
CA LEU B 317 -48.12 -4.41 14.70
C LEU B 317 -47.27 -3.78 15.79
N PRO B 318 -46.14 -3.15 15.42
CA PRO B 318 -45.27 -2.57 16.43
C PRO B 318 -45.88 -1.35 17.11
N ASN B 319 -45.84 -1.29 18.42
CA ASN B 319 -46.35 -0.11 19.11
C ASN B 319 -45.62 1.14 18.71
N ASN B 320 -44.29 1.08 18.75
CA ASN B 320 -43.47 2.16 18.25
C ASN B 320 -43.64 2.20 16.76
N ARG B 321 -43.99 3.36 16.23
CA ARG B 321 -44.33 3.44 14.82
C ARG B 321 -43.10 3.33 13.94
N GLU B 322 -41.99 3.88 14.41
CA GLU B 322 -40.78 4.02 13.59
C GLU B 322 -40.19 2.67 13.21
N LEU B 323 -40.52 1.67 14.03
CA LEU B 323 -40.22 0.29 13.72
C LEU B 323 -40.81 -0.08 12.38
N TYR B 324 -42.08 0.23 12.18
CA TYR B 324 -42.78 -0.20 10.99
C TYR B 324 -41.86 -0.22 9.80
N ILE B 325 -41.14 0.87 9.55
CA ILE B 325 -40.26 0.87 8.38
C ILE B 325 -38.89 0.28 8.60
N HIS B 326 -38.55 -0.05 9.83
CA HIS B 326 -37.38 -0.89 10.04
C HIS B 326 -37.75 -2.34 9.69
N ARG B 327 -38.91 -2.79 10.10
CA ARG B 327 -39.41 -4.07 9.64
C ARG B 327 -39.52 -4.10 8.14
N ILE B 328 -39.87 -2.98 7.54
CA ILE B 328 -40.24 -2.94 6.14
C ILE B 328 -39.67 -1.69 5.50
N GLY B 329 -38.81 -1.85 4.51
CA GLY B 329 -38.33 -0.67 3.86
C GLY B 329 -37.18 -0.99 2.98
N ARG B 330 -37.37 -0.80 1.69
CA ARG B 330 -36.26 -0.61 0.80
C ARG B 330 -35.77 0.82 1.15
N SER B 331 -34.47 1.14 1.12
CA SER B 331 -33.37 0.38 0.57
C SER B 331 -32.22 0.92 -0.25
N GLY B 332 -32.30 2.17 -0.72
CA GLY B 332 -33.53 2.97 -0.86
C GLY B 332 -33.56 3.35 -2.32
N ARG B 333 -32.40 3.77 -2.84
CA ARG B 333 -32.05 3.51 -4.22
C ARG B 333 -31.98 2.00 -4.31
N TYR B 334 -30.90 1.47 -4.84
CA TYR B 334 -30.34 0.16 -4.47
C TYR B 334 -31.27 -0.93 -3.88
N GLY B 335 -32.56 -0.67 -3.78
CA GLY B 335 -33.45 -1.55 -3.04
C GLY B 335 -34.55 -2.11 -3.91
N ARG B 336 -35.11 -3.22 -3.46
CA ARG B 336 -36.10 -3.99 -4.22
C ARG B 336 -37.50 -3.71 -3.72
N LYS B 337 -38.43 -3.56 -4.66
CA LYS B 337 -39.88 -3.50 -4.38
C LYS B 337 -40.22 -4.70 -3.51
N GLY B 338 -41.34 -4.63 -2.82
CA GLY B 338 -41.65 -5.62 -1.80
C GLY B 338 -43.10 -5.54 -1.39
N VAL B 339 -43.51 -6.50 -0.56
CA VAL B 339 -44.91 -6.61 -0.20
C VAL B 339 -45.05 -6.82 1.27
N ALA B 340 -45.76 -5.92 1.91
CA ALA B 340 -45.96 -6.05 3.34
C ALA B 340 -47.40 -6.40 3.60
N VAL B 341 -47.60 -7.29 4.56
CA VAL B 341 -48.92 -7.72 4.96
C VAL B 341 -49.06 -7.47 6.44
N ASN B 342 -50.18 -6.87 6.82
CA ASN B 342 -50.43 -6.57 8.21
C ASN B 342 -51.66 -7.26 8.75
N PHE B 343 -51.43 -8.00 9.84
CA PHE B 343 -52.47 -8.71 10.56
C PHE B 343 -53.01 -7.79 11.66
N VAL B 344 -54.28 -7.45 11.57
CA VAL B 344 -54.82 -6.43 12.44
C VAL B 344 -56.04 -6.91 13.17
N LYS B 345 -55.90 -7.08 14.49
CA LYS B 345 -57.05 -7.43 15.32
C LYS B 345 -57.93 -6.19 15.31
N ASN B 346 -59.24 -6.37 15.51
CA ASN B 346 -60.18 -5.27 15.65
C ASN B 346 -59.62 -4.22 16.60
N ASP B 347 -58.95 -4.68 17.64
CA ASP B 347 -58.28 -3.79 18.62
C ASP B 347 -57.16 -2.92 18.04
N ASP B 348 -56.39 -3.45 17.10
CA ASP B 348 -55.18 -2.78 16.65
C ASP B 348 -55.38 -1.94 15.37
N ILE B 349 -56.63 -1.70 14.98
CA ILE B 349 -56.88 -1.01 13.73
C ILE B 349 -56.51 0.46 13.87
N ARG B 350 -56.84 1.02 15.03
CA ARG B 350 -56.43 2.39 15.35
C ARG B 350 -54.89 2.54 15.26
N VAL B 351 -54.17 1.55 15.79
CA VAL B 351 -52.71 1.55 15.63
C VAL B 351 -52.32 1.53 14.16
N LEU B 352 -53.07 0.81 13.34
CA LEU B 352 -52.80 0.77 11.91
C LEU B 352 -53.05 2.11 11.27
N ARG B 353 -54.19 2.72 11.62
CA ARG B 353 -54.49 4.05 11.12
C ARG B 353 -53.37 4.98 11.54
N ASP B 354 -52.93 4.86 12.80
CA ASP B 354 -51.81 5.69 13.32
C ASP B 354 -50.57 5.54 12.47
N ILE B 355 -50.19 4.30 12.18
CA ILE B 355 -48.99 4.01 11.37
C ILE B 355 -49.20 4.50 9.93
N GLU B 356 -50.40 4.30 9.40
CA GLU B 356 -50.81 4.82 8.10
C GLU B 356 -50.47 6.29 8.00
N GLN B 357 -50.95 7.05 8.98
CA GLN B 357 -50.73 8.48 9.06
C GLN B 357 -49.29 8.86 9.38
N TYR B 358 -48.63 8.07 10.20
CA TYR B 358 -47.25 8.39 10.55
C TYR B 358 -46.41 8.54 9.28
N TYR B 359 -46.51 7.56 8.38
CA TYR B 359 -45.74 7.55 7.15
C TYR B 359 -46.47 8.14 5.96
N SER B 360 -47.68 8.61 6.14
CA SER B 360 -48.40 9.28 5.07
C SER B 360 -48.45 8.33 3.87
N THR B 361 -49.12 7.21 4.07
CA THR B 361 -49.09 6.09 3.14
C THR B 361 -50.39 5.31 3.20
N GLN B 362 -50.91 4.92 2.04
CA GLN B 362 -52.10 4.05 1.98
C GLN B 362 -51.68 2.64 2.37
N ILE B 363 -52.56 1.97 3.13
CA ILE B 363 -52.43 0.55 3.51
C ILE B 363 -53.76 -0.10 3.18
N ASP B 364 -53.86 -0.70 2.00
CA ASP B 364 -55.13 -1.19 1.49
C ASP B 364 -55.42 -2.56 2.04
N GLU B 365 -56.68 -2.98 1.97
CA GLU B 365 -57.08 -4.32 2.41
C GLU B 365 -56.57 -5.36 1.43
N MET B 366 -56.25 -6.53 1.94
CA MET B 366 -55.64 -7.61 1.15
C MET B 366 -56.62 -8.24 0.16
N PRO B 367 -56.40 -8.02 -1.15
CA PRO B 367 -57.39 -8.35 -2.15
C PRO B 367 -57.37 -9.81 -2.65
N MET B 368 -56.51 -10.64 -2.07
CA MET B 368 -56.35 -12.06 -2.49
C MET B 368 -55.64 -12.23 -3.85
N ASN B 369 -54.34 -11.91 -3.85
CA ASN B 369 -53.49 -11.89 -5.06
C ASN B 369 -52.00 -11.63 -4.73
N VAL B 370 -51.10 -12.23 -5.51
CA VAL B 370 -49.65 -11.99 -5.40
C VAL B 370 -49.31 -10.61 -4.83
N ARG C 81 29.19 9.47 -16.27
CA ARG C 81 28.66 10.05 -14.99
C ARG C 81 27.73 11.21 -15.32
N TRP C 82 26.44 10.93 -15.34
CA TRP C 82 25.41 11.84 -15.89
C TRP C 82 25.59 13.32 -15.49
N GLU C 83 25.42 14.22 -16.45
CA GLU C 83 25.40 15.65 -16.13
C GLU C 83 24.12 16.36 -16.56
N HIS C 84 23.94 17.54 -15.96
CA HIS C 84 22.74 18.35 -16.10
C HIS C 84 23.03 19.54 -17.01
N ASP C 85 23.91 19.30 -17.99
CA ASP C 85 23.99 20.13 -19.20
C ASP C 85 22.62 20.06 -19.87
N LYS C 86 22.47 20.66 -21.05
CA LYS C 86 21.15 20.79 -21.72
C LYS C 86 20.06 21.32 -20.78
N PHE C 87 20.44 22.27 -19.94
CA PHE C 87 19.54 22.90 -18.99
C PHE C 87 20.05 24.31 -18.71
N ARG C 88 19.16 25.26 -18.41
CA ARG C 88 19.52 26.64 -18.06
C ARG C 88 18.29 27.47 -17.62
N GLU C 89 18.32 28.03 -16.41
CA GLU C 89 17.18 28.78 -15.88
C GLU C 89 16.94 30.10 -16.62
#